data_7X53
#
_entry.id   7X53
#
_cell.length_a   79.831
_cell.length_b   55.630
_cell.length_c   88.023
_cell.angle_alpha   90.000
_cell.angle_beta   102.940
_cell.angle_gamma   90.000
#
_symmetry.space_group_name_H-M   'P 1 21 1'
#
loop_
_entity.id
_entity.type
_entity.pdbx_description
1 polymer 'Cytochrome P450 family protein'
2 non-polymer 'PROTOPORPHYRIN IX CONTAINING FE'
3 water water
#
_entity_poly.entity_id   1
_entity_poly.type   'polypeptide(L)'
_entity_poly.pdbx_seq_one_letter_code
;MEILDRPQAPSDFNPMSEQSFRDPASICQRAREETPVFFYAPLGVWMVTRREDAERVLSEWETFSSLANSPNVPEEFRSR
FAPSVMADSIVAIDPPRHTQARNVIQRGFMKPKIDPLEPIIEQRAHEIIDRFAGESGTEIMNNYCLELTTRTLMALYDLP
LEDRPMFERIRDVSIKVLASVYEPMQEPEKSRVWNEYVSGYEYFYQLVEQRRNSDARDIISTMASQKDNQGNPALSTERI
ALHLVEIAFAGTDTTAQMMANAILFLDSHPEALAAAKADKTLWSRVFEETVRRRPSAPFAGRITTTEVEIQGVKIPAGSP
VWVSLAAANTDPRHVGCPMNFDINREAPQDHLAFTKGRHTCPGAPLARLQGATGLRVLFERLPELKVVPDQPLNFAPMAL
LPVRLSLQVIW
;
_entity_poly.pdbx_strand_id   A,B
#
# COMPACT_ATOMS: atom_id res chain seq x y z
N ARG A 6 -7.52 0.46 -33.51
CA ARG A 6 -7.28 0.36 -32.08
C ARG A 6 -8.23 -0.66 -31.45
N PRO A 7 -7.74 -1.40 -30.46
CA PRO A 7 -8.57 -2.42 -29.82
C PRO A 7 -9.82 -1.81 -29.19
N GLN A 8 -10.95 -2.49 -29.37
CA GLN A 8 -12.22 -2.05 -28.82
C GLN A 8 -12.53 -2.85 -27.55
N ALA A 9 -13.79 -2.81 -27.12
CA ALA A 9 -14.26 -3.45 -25.91
C ALA A 9 -15.40 -4.40 -26.23
N PRO A 10 -15.63 -5.41 -25.39
CA PRO A 10 -16.81 -6.27 -25.58
C PRO A 10 -18.10 -5.48 -25.50
N SER A 11 -19.15 -6.07 -26.06
CA SER A 11 -20.45 -5.39 -26.14
C SER A 11 -20.96 -5.01 -24.75
N ASP A 12 -20.76 -5.88 -23.76
CA ASP A 12 -21.29 -5.63 -22.43
C ASP A 12 -20.60 -4.49 -21.69
N PHE A 13 -19.49 -3.98 -22.20
CA PHE A 13 -18.76 -2.90 -21.55
C PHE A 13 -19.37 -1.57 -21.97
N ASN A 14 -20.13 -0.95 -21.08
CA ASN A 14 -20.68 0.39 -21.30
C ASN A 14 -20.77 1.09 -19.96
N PRO A 15 -19.85 2.00 -19.66
CA PRO A 15 -19.89 2.69 -18.35
C PRO A 15 -21.07 3.63 -18.19
N MET A 16 -21.81 3.93 -19.26
CA MET A 16 -22.96 4.81 -19.20
C MET A 16 -24.29 4.05 -19.13
N SER A 17 -24.24 2.73 -19.09
CA SER A 17 -25.45 1.90 -19.02
C SER A 17 -25.87 1.66 -17.57
N GLU A 18 -27.12 1.25 -17.40
CA GLU A 18 -27.63 0.93 -16.07
C GLU A 18 -26.92 -0.29 -15.48
N GLN A 19 -26.44 -1.19 -16.33
CA GLN A 19 -25.65 -2.32 -15.84
C GLN A 19 -24.39 -1.85 -15.13
N SER A 20 -23.80 -0.75 -15.57
CA SER A 20 -22.66 -0.17 -14.88
C SER A 20 -23.08 0.56 -13.61
N PHE A 21 -24.26 1.20 -13.62
CA PHE A 21 -24.71 1.92 -12.43
C PHE A 21 -25.07 0.96 -11.29
N ARG A 22 -25.59 -0.22 -11.61
CA ARG A 22 -25.93 -1.17 -10.57
C ARG A 22 -24.72 -1.98 -10.11
N ASP A 23 -23.80 -2.30 -11.04
CA ASP A 23 -22.62 -3.10 -10.73
C ASP A 23 -21.53 -2.72 -11.72
N PRO A 24 -20.56 -1.90 -11.30
CA PRO A 24 -19.51 -1.47 -12.23
C PRO A 24 -18.58 -2.58 -12.66
N ALA A 25 -18.50 -3.69 -11.91
CA ALA A 25 -17.58 -4.76 -12.26
C ALA A 25 -18.16 -5.72 -13.28
N SER A 26 -19.49 -5.73 -13.47
CA SER A 26 -20.09 -6.65 -14.43
C SER A 26 -19.70 -6.31 -15.86
N ILE A 27 -19.57 -5.01 -16.17
CA ILE A 27 -19.17 -4.60 -17.51
C ILE A 27 -17.68 -4.74 -17.76
N CYS A 28 -16.89 -5.07 -16.74
CA CYS A 28 -15.45 -5.07 -16.84
C CYS A 28 -14.82 -6.45 -16.94
N GLN A 29 -15.55 -7.51 -16.58
CA GLN A 29 -14.99 -8.86 -16.59
C GLN A 29 -14.54 -9.26 -17.99
N ARG A 30 -15.49 -9.33 -18.93
CA ARG A 30 -15.16 -9.75 -20.30
C ARG A 30 -14.08 -8.85 -20.90
N ALA A 31 -14.15 -7.54 -20.63
CA ALA A 31 -13.14 -6.62 -21.13
C ALA A 31 -11.77 -6.95 -20.55
N ARG A 32 -11.68 -7.05 -19.22
CA ARG A 32 -10.40 -7.35 -18.58
C ARG A 32 -9.80 -8.64 -19.11
N GLU A 33 -10.61 -9.69 -19.23
CA GLU A 33 -10.09 -10.97 -19.70
C GLU A 33 -9.62 -10.89 -21.14
N GLU A 34 -10.47 -10.39 -22.04
CA GLU A 34 -10.18 -10.44 -23.46
C GLU A 34 -9.32 -9.26 -23.94
N THR A 35 -9.71 -8.03 -23.63
CA THR A 35 -9.00 -6.83 -24.07
C THR A 35 -8.60 -6.03 -22.84
N PRO A 36 -7.43 -6.32 -22.25
CA PRO A 36 -7.08 -5.66 -20.98
C PRO A 36 -6.87 -4.16 -21.11
N VAL A 37 -6.30 -3.70 -22.23
CA VAL A 37 -6.05 -2.28 -22.47
C VAL A 37 -6.61 -1.95 -23.85
N PHE A 38 -7.55 -1.02 -23.91
CA PHE A 38 -8.19 -0.69 -25.17
C PHE A 38 -8.48 0.81 -25.21
N PHE A 39 -9.19 1.23 -26.25
CA PHE A 39 -9.60 2.63 -26.42
C PHE A 39 -11.12 2.70 -26.42
N TYR A 40 -11.67 3.58 -25.60
CA TYR A 40 -13.11 3.83 -25.54
C TYR A 40 -13.39 5.14 -26.26
N ALA A 41 -14.07 5.05 -27.40
CA ALA A 41 -14.39 6.19 -28.25
C ALA A 41 -15.52 7.05 -27.71
N PRO A 42 -16.61 6.48 -27.16
CA PRO A 42 -17.65 7.35 -26.59
C PRO A 42 -17.12 8.29 -25.51
N LEU A 43 -16.04 7.92 -24.83
CA LEU A 43 -15.34 8.82 -23.92
C LEU A 43 -14.01 9.30 -24.48
N GLY A 44 -13.50 8.69 -25.54
CA GLY A 44 -12.26 9.12 -26.15
C GLY A 44 -11.03 8.95 -25.29
N VAL A 45 -11.00 7.93 -24.43
CA VAL A 45 -9.90 7.73 -23.51
C VAL A 45 -9.45 6.28 -23.55
N TRP A 46 -8.19 6.05 -23.20
CA TRP A 46 -7.72 4.68 -23.05
C TRP A 46 -8.28 4.07 -21.78
N MET A 47 -8.45 2.75 -21.79
CA MET A 47 -9.02 2.01 -20.67
C MET A 47 -8.07 0.89 -20.28
N VAL A 48 -7.72 0.87 -18.99
CA VAL A 48 -6.86 -0.16 -18.41
C VAL A 48 -7.62 -0.84 -17.28
N THR A 49 -7.68 -2.16 -17.32
CA THR A 49 -8.55 -2.94 -16.44
C THR A 49 -7.82 -3.87 -15.49
N ARG A 50 -6.67 -4.43 -15.89
CA ARG A 50 -6.00 -5.43 -15.07
C ARG A 50 -5.26 -4.78 -13.91
N ARG A 51 -5.26 -5.46 -12.76
CA ARG A 51 -4.70 -4.89 -11.54
C ARG A 51 -3.19 -4.66 -11.68
N GLU A 52 -2.51 -5.54 -12.38
CA GLU A 52 -1.08 -5.38 -12.63
C GLU A 52 -0.78 -4.02 -13.26
N ASP A 53 -1.42 -3.74 -14.40
CA ASP A 53 -1.25 -2.45 -15.05
C ASP A 53 -1.91 -1.33 -14.25
N ALA A 54 -2.97 -1.65 -13.50
CA ALA A 54 -3.66 -0.65 -12.70
C ALA A 54 -2.73 -0.02 -11.67
N GLU A 55 -2.00 -0.85 -10.92
CA GLU A 55 -1.08 -0.32 -9.91
C GLU A 55 0.02 0.52 -10.56
N ARG A 56 0.50 0.10 -11.74
CA ARG A 56 1.51 0.89 -12.44
C ARG A 56 0.98 2.27 -12.82
N VAL A 57 -0.19 2.31 -13.45
CA VAL A 57 -0.74 3.59 -13.90
C VAL A 57 -1.06 4.49 -12.70
N LEU A 58 -1.60 3.90 -11.63
CA LEU A 58 -1.93 4.71 -10.45
C LEU A 58 -0.69 5.16 -9.69
N SER A 59 0.42 4.46 -9.83
CA SER A 59 1.63 4.75 -9.06
C SER A 59 2.63 5.61 -9.82
N GLU A 60 2.98 5.22 -11.05
CA GLU A 60 3.99 5.92 -11.84
C GLU A 60 3.47 7.31 -12.20
N TRP A 61 3.65 8.25 -11.27
CA TRP A 61 3.25 9.63 -11.51
C TRP A 61 4.11 10.29 -12.57
N GLU A 62 5.39 9.90 -12.67
CA GLU A 62 6.28 10.51 -13.66
C GLU A 62 5.85 10.19 -15.08
N THR A 63 5.26 9.02 -15.30
CA THR A 63 4.77 8.61 -16.61
C THR A 63 3.29 8.91 -16.81
N PHE A 64 2.48 8.70 -15.77
CA PHE A 64 1.04 8.95 -15.82
C PHE A 64 0.73 10.09 -14.86
N SER A 65 0.74 11.31 -15.38
CA SER A 65 0.49 12.49 -14.57
C SER A 65 -1.00 12.68 -14.32
N SER A 66 -1.33 13.58 -13.40
CA SER A 66 -2.71 13.83 -13.00
C SER A 66 -3.22 15.18 -13.49
N LEU A 67 -2.52 15.83 -14.42
CA LEU A 67 -2.89 17.15 -14.91
C LEU A 67 -4.15 17.14 -15.77
N ALA A 68 -4.81 15.99 -15.93
CA ALA A 68 -5.90 15.89 -16.89
C ALA A 68 -7.13 16.70 -16.51
N ASN A 69 -7.30 17.02 -15.22
CA ASN A 69 -8.46 17.77 -14.75
C ASN A 69 -8.01 19.18 -14.38
N SER A 70 -8.72 20.18 -14.90
CA SER A 70 -8.39 21.57 -14.60
C SER A 70 -9.52 22.51 -14.99
N PRO A 71 -10.36 22.93 -14.06
CA PRO A 71 -11.35 23.97 -14.37
C PRO A 71 -10.69 25.32 -14.59
N ASN A 72 -11.44 26.20 -15.26
CA ASN A 72 -10.96 27.53 -15.61
C ASN A 72 -11.68 28.59 -14.79
N VAL A 73 -10.91 29.55 -14.27
CA VAL A 73 -11.47 30.57 -13.38
C VAL A 73 -12.06 31.69 -14.22
N PRO A 74 -13.27 32.17 -13.88
CA PRO A 74 -13.84 33.31 -14.60
C PRO A 74 -13.00 34.57 -14.40
N GLU A 75 -13.25 35.55 -15.27
CA GLU A 75 -12.42 36.76 -15.29
C GLU A 75 -12.71 37.67 -14.10
N GLU A 76 -13.98 37.86 -13.75
CA GLU A 76 -14.36 38.85 -12.75
C GLU A 76 -13.99 38.45 -11.32
N PHE A 77 -13.65 37.19 -11.08
CA PHE A 77 -13.34 36.72 -9.72
C PHE A 77 -11.84 36.51 -9.49
N ARG A 78 -11.00 36.87 -10.45
CA ARG A 78 -9.56 36.62 -10.30
C ARG A 78 -8.92 37.53 -9.26
N SER A 79 -9.58 38.61 -8.86
CA SER A 79 -9.03 39.47 -7.82
C SER A 79 -9.20 38.85 -6.44
N ARG A 80 -10.26 38.07 -6.24
CA ARG A 80 -10.50 37.38 -4.97
C ARG A 80 -10.03 35.94 -4.98
N PHE A 81 -9.96 35.31 -6.16
CA PHE A 81 -9.54 33.92 -6.30
C PHE A 81 -8.65 33.84 -7.53
N ALA A 82 -7.34 33.97 -7.31
CA ALA A 82 -6.39 34.01 -8.41
C ALA A 82 -6.36 32.67 -9.15
N PRO A 83 -6.10 32.69 -10.46
CA PRO A 83 -6.05 31.43 -11.22
C PRO A 83 -4.95 30.49 -10.75
N SER A 84 -3.86 31.03 -10.18
CA SER A 84 -2.80 30.17 -9.67
C SER A 84 -3.28 29.35 -8.47
N VAL A 85 -4.18 29.92 -7.66
CA VAL A 85 -4.74 29.17 -6.54
C VAL A 85 -5.49 27.95 -7.07
N MET A 86 -6.30 28.14 -8.10
CA MET A 86 -6.98 27.01 -8.73
C MET A 86 -5.98 26.05 -9.37
N ALA A 87 -4.89 26.58 -9.90
CA ALA A 87 -3.83 25.73 -10.46
C ALA A 87 -3.10 24.94 -9.39
N ASP A 88 -3.26 25.30 -8.12
CA ASP A 88 -2.72 24.52 -7.00
C ASP A 88 -3.72 23.49 -6.48
N SER A 89 -4.67 23.07 -7.31
CA SER A 89 -5.64 22.06 -6.90
C SER A 89 -4.95 20.73 -6.61
N ILE A 90 -5.37 20.08 -5.53
CA ILE A 90 -4.71 18.85 -5.09
C ILE A 90 -4.87 17.72 -6.11
N VAL A 91 -5.91 17.77 -6.94
CA VAL A 91 -6.12 16.75 -7.96
C VAL A 91 -5.41 17.08 -9.27
N ALA A 92 -4.95 18.33 -9.43
CA ALA A 92 -4.37 18.79 -10.68
C ALA A 92 -2.89 19.14 -10.54
N ILE A 93 -2.23 18.65 -9.50
CA ILE A 93 -0.82 18.95 -9.28
C ILE A 93 -0.03 17.67 -9.18
N ASP A 94 1.26 17.78 -9.45
CA ASP A 94 2.23 16.71 -9.39
C ASP A 94 3.44 17.19 -8.60
N PRO A 95 4.28 16.29 -8.11
CA PRO A 95 5.53 16.71 -7.46
C PRO A 95 6.30 17.67 -8.34
N PRO A 96 6.92 18.70 -7.75
CA PRO A 96 7.11 18.87 -6.31
C PRO A 96 6.02 19.68 -5.59
N ARG A 97 5.00 20.14 -6.30
CA ARG A 97 3.93 20.90 -5.64
C ARG A 97 2.95 19.97 -4.93
N HIS A 98 2.64 18.83 -5.56
CA HIS A 98 1.70 17.89 -4.95
C HIS A 98 2.26 17.33 -3.65
N THR A 99 3.58 17.08 -3.61
CA THR A 99 4.19 16.61 -2.37
C THR A 99 4.10 17.68 -1.28
N GLN A 100 4.32 18.94 -1.65
CA GLN A 100 4.23 20.03 -0.68
C GLN A 100 2.82 20.14 -0.11
N ALA A 101 1.80 19.99 -0.96
CA ALA A 101 0.42 20.06 -0.45
C ALA A 101 0.07 18.81 0.36
N ARG A 102 0.55 17.64 -0.08
CA ARG A 102 0.18 16.39 0.57
C ARG A 102 0.81 16.27 1.96
N ASN A 103 2.06 16.71 2.10
CA ASN A 103 2.71 16.67 3.40
C ASN A 103 1.91 17.42 4.47
N VAL A 104 1.17 18.44 4.06
CA VAL A 104 0.32 19.18 4.99
C VAL A 104 -1.07 18.54 5.11
N ILE A 105 -1.63 18.07 4.00
CA ILE A 105 -2.98 17.52 4.03
C ILE A 105 -3.02 16.24 4.87
N GLN A 106 -2.02 15.37 4.72
CA GLN A 106 -2.02 14.09 5.43
C GLN A 106 -1.94 14.25 6.94
N ARG A 107 -1.53 15.42 7.44
CA ARG A 107 -1.38 15.59 8.88
C ARG A 107 -2.72 15.59 9.60
N GLY A 108 -3.81 15.86 8.90
CA GLY A 108 -5.13 15.91 9.52
C GLY A 108 -5.88 14.61 9.58
N PHE A 109 -5.43 13.58 8.86
CA PHE A 109 -6.13 12.30 8.81
C PHE A 109 -5.39 11.20 9.56
N MET A 110 -4.43 11.56 10.40
CA MET A 110 -3.71 10.55 11.17
C MET A 110 -4.59 10.00 12.30
N LYS A 111 -4.19 8.82 12.79
CA LYS A 111 -4.97 8.14 13.82
C LYS A 111 -5.21 8.99 15.05
N PRO A 112 -4.22 9.68 15.64
CA PRO A 112 -4.52 10.53 16.81
C PRO A 112 -5.51 11.64 16.53
N LYS A 113 -5.71 12.00 15.26
CA LYS A 113 -6.67 13.04 14.89
C LYS A 113 -8.05 12.47 14.56
N ILE A 114 -8.11 11.28 13.98
CA ILE A 114 -9.37 10.72 13.50
C ILE A 114 -10.04 9.83 14.55
N ASP A 115 -9.25 9.05 15.29
CA ASP A 115 -9.82 8.18 16.33
C ASP A 115 -10.73 8.89 17.32
N PRO A 116 -10.43 10.09 17.82
CA PRO A 116 -11.36 10.76 18.75
C PRO A 116 -12.67 11.19 18.12
N LEU A 117 -12.92 10.88 16.85
CA LEU A 117 -14.17 11.25 16.20
C LEU A 117 -15.20 10.12 16.20
N GLU A 118 -14.78 8.88 16.48
CA GLU A 118 -15.72 7.76 16.52
C GLU A 118 -16.89 7.97 17.48
N PRO A 119 -16.69 8.38 18.74
CA PRO A 119 -17.85 8.57 19.62
C PRO A 119 -18.79 9.68 19.13
N ILE A 120 -18.24 10.76 18.57
CA ILE A 120 -19.09 11.82 18.03
C ILE A 120 -19.89 11.29 16.84
N ILE A 121 -19.25 10.52 15.96
CA ILE A 121 -19.95 9.94 14.82
C ILE A 121 -21.07 9.04 15.29
N GLU A 122 -20.81 8.19 16.29
CA GLU A 122 -21.85 7.30 16.79
C GLU A 122 -23.01 8.08 17.42
N GLN A 123 -22.68 9.10 18.22
CA GLN A 123 -23.73 9.92 18.85
C GLN A 123 -24.59 10.60 17.80
N ARG A 124 -23.97 11.22 16.80
CA ARG A 124 -24.75 11.90 15.77
C ARG A 124 -25.53 10.92 14.91
N ALA A 125 -25.02 9.70 14.71
CA ALA A 125 -25.78 8.69 13.99
C ALA A 125 -27.02 8.29 14.77
N HIS A 126 -26.89 8.12 16.09
CA HIS A 126 -28.06 7.84 16.92
C HIS A 126 -29.05 9.01 16.87
N GLU A 127 -28.54 10.24 16.91
CA GLU A 127 -29.41 11.41 16.81
C GLU A 127 -30.17 11.43 15.48
N ILE A 128 -29.49 11.07 14.38
CA ILE A 128 -30.15 11.05 13.09
C ILE A 128 -31.20 9.96 13.04
N ILE A 129 -30.88 8.76 13.53
CA ILE A 129 -31.82 7.65 13.51
C ILE A 129 -33.04 7.96 14.37
N ASP A 130 -32.86 8.68 15.48
CA ASP A 130 -33.99 9.03 16.35
C ASP A 130 -35.04 9.85 15.62
N ARG A 131 -34.70 10.48 14.49
CA ARG A 131 -35.66 11.30 13.76
C ARG A 131 -36.64 10.47 12.95
N PHE A 132 -36.23 9.28 12.48
CA PHE A 132 -37.08 8.45 11.64
C PHE A 132 -37.17 7.00 12.10
N ALA A 133 -36.70 6.69 13.31
CA ALA A 133 -36.76 5.32 13.79
C ALA A 133 -38.19 4.84 14.06
N GLY A 134 -39.11 5.76 14.33
CA GLY A 134 -40.49 5.43 14.62
C GLY A 134 -41.39 5.21 13.42
N GLU A 135 -40.87 5.38 12.21
CA GLU A 135 -41.66 5.19 11.00
C GLU A 135 -41.60 3.72 10.58
N SER A 136 -41.91 3.43 9.32
CA SER A 136 -41.82 2.08 8.78
C SER A 136 -40.89 1.98 7.58
N GLY A 137 -40.48 3.09 7.02
CA GLY A 137 -39.54 3.09 5.91
C GLY A 137 -39.05 4.50 5.66
N THR A 138 -37.92 4.59 4.96
CA THR A 138 -37.32 5.90 4.72
C THR A 138 -36.36 5.83 3.55
N GLU A 139 -36.06 7.01 3.00
CA GLU A 139 -35.06 7.18 1.96
C GLU A 139 -33.71 7.30 2.64
N ILE A 140 -33.03 6.16 2.77
CA ILE A 140 -31.83 6.08 3.62
C ILE A 140 -30.67 6.89 3.06
N MET A 141 -30.70 7.28 1.79
CA MET A 141 -29.57 7.96 1.17
C MET A 141 -29.39 9.35 1.77
N ASN A 142 -30.34 10.26 1.51
CA ASN A 142 -30.22 11.62 2.02
C ASN A 142 -30.49 11.71 3.51
N ASN A 143 -31.38 10.87 4.03
CA ASN A 143 -31.76 10.98 5.44
C ASN A 143 -30.68 10.45 6.37
N TYR A 144 -29.88 9.49 5.92
CA TYR A 144 -28.88 8.88 6.78
C TYR A 144 -27.49 8.96 6.18
N CYS A 145 -27.28 8.30 5.05
CA CYS A 145 -25.94 8.23 4.43
C CYS A 145 -25.38 9.63 4.20
N LEU A 146 -26.03 10.40 3.32
CA LEU A 146 -25.54 11.75 3.00
C LEU A 146 -25.51 12.63 4.24
N GLU A 147 -26.53 12.52 5.09
CA GLU A 147 -26.59 13.34 6.30
C GLU A 147 -25.44 13.01 7.24
N LEU A 148 -25.21 11.71 7.47
CA LEU A 148 -24.12 11.31 8.36
C LEU A 148 -22.77 11.71 7.78
N THR A 149 -22.60 11.63 6.46
CA THR A 149 -21.34 12.04 5.85
C THR A 149 -21.11 13.54 6.02
N THR A 150 -22.14 14.34 5.79
CA THR A 150 -22.00 15.78 5.96
C THR A 150 -21.70 16.15 7.41
N ARG A 151 -22.40 15.51 8.36
CA ARG A 151 -22.13 15.80 9.77
C ARG A 151 -20.75 15.31 10.20
N THR A 152 -20.27 14.20 9.64
CA THR A 152 -18.92 13.74 9.94
C THR A 152 -17.87 14.69 9.39
N LEU A 153 -18.11 15.22 8.19
CA LEU A 153 -17.18 16.21 7.63
C LEU A 153 -17.20 17.49 8.44
N MET A 154 -18.37 17.90 8.94
CA MET A 154 -18.43 19.08 9.79
C MET A 154 -17.76 18.86 11.13
N ALA A 155 -17.83 17.63 11.66
CA ALA A 155 -17.13 17.32 12.90
C ALA A 155 -15.62 17.31 12.69
N LEU A 156 -15.17 16.76 11.56
CA LEU A 156 -13.75 16.83 11.24
C LEU A 156 -13.28 18.27 11.09
N TYR A 157 -14.10 19.12 10.48
CA TYR A 157 -13.79 20.53 10.37
C TYR A 157 -14.07 21.29 11.67
N ASP A 158 -14.83 20.69 12.58
CA ASP A 158 -15.23 21.32 13.85
C ASP A 158 -15.94 22.65 13.58
N LEU A 159 -17.14 22.53 13.02
CA LEU A 159 -17.97 23.67 12.68
C LEU A 159 -19.31 23.57 13.38
N PRO A 160 -19.88 24.69 13.82
CA PRO A 160 -21.19 24.65 14.47
C PRO A 160 -22.30 24.36 13.47
N LEU A 161 -23.44 23.89 13.99
CA LEU A 161 -24.57 23.57 13.14
C LEU A 161 -25.11 24.79 12.39
N GLU A 162 -24.86 25.99 12.91
CA GLU A 162 -25.27 27.21 12.21
C GLU A 162 -24.60 27.32 10.85
N ASP A 163 -23.42 26.72 10.69
CA ASP A 163 -22.70 26.70 9.41
C ASP A 163 -23.12 25.54 8.53
N ARG A 164 -24.17 24.81 8.91
CA ARG A 164 -24.62 23.68 8.10
C ARG A 164 -25.06 24.07 6.69
N PRO A 165 -25.86 25.14 6.48
CA PRO A 165 -26.28 25.47 5.10
C PRO A 165 -25.11 25.64 4.13
N MET A 166 -24.24 26.61 4.40
CA MET A 166 -23.12 26.89 3.50
C MET A 166 -22.33 25.62 3.19
N PHE A 167 -21.99 24.85 4.22
CA PHE A 167 -21.23 23.62 4.01
C PHE A 167 -21.95 22.70 3.03
N GLU A 168 -23.26 22.52 3.21
CA GLU A 168 -24.04 21.76 2.23
C GLU A 168 -23.91 22.36 0.85
N ARG A 169 -24.08 23.68 0.75
CA ARG A 169 -23.89 24.36 -0.53
C ARG A 169 -22.53 24.06 -1.13
N ILE A 170 -21.51 23.89 -0.27
CA ILE A 170 -20.16 23.63 -0.74
C ILE A 170 -20.12 22.41 -1.66
N ARG A 171 -20.98 21.42 -1.40
CA ARG A 171 -20.98 20.25 -2.30
C ARG A 171 -21.81 20.53 -3.54
N ASP A 172 -22.95 21.22 -3.39
CA ASP A 172 -23.81 21.49 -4.55
C ASP A 172 -23.11 22.38 -5.57
N VAL A 173 -22.38 23.40 -5.10
CA VAL A 173 -21.71 24.32 -6.01
C VAL A 173 -20.55 23.64 -6.72
N SER A 174 -19.68 22.95 -5.96
CA SER A 174 -18.40 22.49 -6.49
C SER A 174 -18.59 21.61 -7.72
N ILE A 175 -19.49 20.63 -7.63
CA ILE A 175 -19.74 19.74 -8.77
C ILE A 175 -20.09 20.54 -10.02
N LYS A 176 -20.96 21.55 -9.87
CA LYS A 176 -21.30 22.39 -11.02
C LYS A 176 -20.05 23.02 -11.62
N VAL A 177 -19.14 23.52 -10.77
CA VAL A 177 -17.87 24.05 -11.28
C VAL A 177 -17.15 23.00 -12.09
N LEU A 178 -17.13 21.75 -11.58
CA LEU A 178 -16.54 20.66 -12.35
C LEU A 178 -17.23 20.46 -13.68
N ALA A 179 -18.57 20.60 -13.70
CA ALA A 179 -19.31 20.46 -14.94
C ALA A 179 -19.05 21.61 -15.92
N SER A 180 -18.27 22.62 -15.50
CA SER A 180 -18.02 23.77 -16.36
C SER A 180 -17.14 23.41 -17.54
N VAL A 181 -16.14 22.54 -17.32
CA VAL A 181 -15.19 22.22 -18.37
C VAL A 181 -15.84 21.51 -19.55
N TYR A 182 -16.96 20.82 -19.32
CA TYR A 182 -17.68 20.12 -20.38
C TYR A 182 -19.02 20.74 -20.74
N GLU A 183 -19.82 21.13 -19.75
CA GLU A 183 -21.11 21.79 -19.97
C GLU A 183 -21.03 23.18 -19.36
N PRO A 184 -20.51 24.16 -20.11
CA PRO A 184 -20.33 25.51 -19.57
C PRO A 184 -21.64 26.11 -19.09
N MET A 185 -21.55 26.89 -18.02
CA MET A 185 -22.71 27.53 -17.43
C MET A 185 -23.03 28.84 -18.16
N GLN A 186 -24.32 29.09 -18.35
CA GLN A 186 -24.75 30.34 -18.95
C GLN A 186 -25.03 31.37 -17.87
N GLU A 187 -25.35 32.59 -18.29
CA GLU A 187 -25.61 33.74 -17.44
C GLU A 187 -27.09 33.75 -17.01
N PRO A 188 -27.40 34.32 -15.83
CA PRO A 188 -26.47 34.83 -14.81
C PRO A 188 -26.11 33.78 -13.77
N GLU A 189 -26.31 32.51 -14.13
CA GLU A 189 -26.02 31.43 -13.18
C GLU A 189 -24.53 31.28 -12.93
N LYS A 190 -23.71 31.47 -13.98
CA LYS A 190 -22.27 31.32 -13.83
C LYS A 190 -21.71 32.24 -12.75
N SER A 191 -22.04 33.54 -12.83
CA SER A 191 -21.53 34.49 -11.86
C SER A 191 -21.96 34.14 -10.44
N ARG A 192 -23.24 33.78 -10.25
CA ARG A 192 -23.74 33.45 -8.93
C ARG A 192 -23.04 32.22 -8.36
N VAL A 193 -22.93 31.16 -9.17
CA VAL A 193 -22.33 29.91 -8.71
C VAL A 193 -20.86 30.15 -8.35
N TRP A 194 -20.13 30.84 -9.22
CA TRP A 194 -18.72 31.08 -8.94
C TRP A 194 -18.54 32.01 -7.74
N ASN A 195 -19.47 32.95 -7.52
CA ASN A 195 -19.36 33.80 -6.35
C ASN A 195 -19.62 33.03 -5.08
N GLU A 196 -20.57 32.09 -5.10
CA GLU A 196 -20.77 31.20 -3.95
C GLU A 196 -19.52 30.35 -3.70
N TYR A 197 -18.91 29.85 -4.77
CA TYR A 197 -17.67 29.09 -4.64
C TYR A 197 -16.57 29.92 -3.98
N VAL A 198 -16.35 31.14 -4.48
CA VAL A 198 -15.33 32.02 -3.91
C VAL A 198 -15.70 32.43 -2.49
N SER A 199 -17.00 32.53 -2.18
CA SER A 199 -17.41 32.86 -0.82
C SER A 199 -17.05 31.74 0.15
N GLY A 200 -17.32 30.49 -0.23
CA GLY A 200 -16.89 29.38 0.60
C GLY A 200 -15.37 29.31 0.72
N TYR A 201 -14.67 29.59 -0.37
CA TYR A 201 -13.21 29.64 -0.33
C TYR A 201 -12.71 30.69 0.65
N GLU A 202 -13.31 31.88 0.65
CA GLU A 202 -12.91 32.94 1.56
C GLU A 202 -13.31 32.62 3.00
N TYR A 203 -14.42 31.93 3.20
CA TYR A 203 -14.81 31.47 4.53
C TYR A 203 -13.76 30.53 5.10
N PHE A 204 -13.32 29.56 4.29
CA PHE A 204 -12.25 28.67 4.76
C PHE A 204 -10.93 29.42 4.91
N TYR A 205 -10.67 30.43 4.08
CA TYR A 205 -9.50 31.26 4.24
C TYR A 205 -9.48 31.94 5.61
N GLN A 206 -10.61 32.53 6.00
CA GLN A 206 -10.71 33.18 7.29
C GLN A 206 -10.62 32.16 8.43
N LEU A 207 -11.19 30.97 8.25
CA LEU A 207 -11.08 29.95 9.27
C LEU A 207 -9.64 29.50 9.46
N VAL A 208 -8.86 29.45 8.38
CA VAL A 208 -7.45 29.09 8.49
C VAL A 208 -6.67 30.21 9.15
N GLU A 209 -6.97 31.47 8.80
CA GLU A 209 -6.29 32.59 9.42
C GLU A 209 -6.58 32.67 10.92
N GLN A 210 -7.80 32.32 11.32
CA GLN A 210 -8.16 32.38 12.73
C GLN A 210 -7.62 31.19 13.51
N ARG A 211 -7.53 30.02 12.89
CA ARG A 211 -6.98 28.83 13.52
C ARG A 211 -5.53 28.57 13.13
N ARG A 212 -4.80 29.63 12.72
CA ARG A 212 -3.42 29.46 12.26
C ARG A 212 -2.50 28.98 13.38
N ASN A 213 -2.75 29.41 14.62
CA ASN A 213 -1.93 29.04 15.76
C ASN A 213 -2.67 28.10 16.72
N SER A 214 -3.63 27.34 16.22
CA SER A 214 -4.41 26.43 17.04
C SER A 214 -3.76 25.05 17.05
N ASP A 215 -3.78 24.40 18.22
CA ASP A 215 -3.20 23.07 18.36
C ASP A 215 -4.27 22.04 18.67
N ALA A 216 -5.34 22.01 17.88
CA ALA A 216 -6.43 21.06 18.08
C ALA A 216 -6.36 19.98 17.01
N ARG A 217 -7.33 19.08 17.06
CA ARG A 217 -7.36 17.95 16.13
C ARG A 217 -8.03 18.27 14.82
N ASP A 218 -8.98 19.22 14.81
CA ASP A 218 -9.72 19.56 13.59
C ASP A 218 -8.78 19.81 12.43
N ILE A 219 -9.19 19.36 11.24
CA ILE A 219 -8.35 19.44 10.06
C ILE A 219 -7.94 20.87 9.76
N ILE A 220 -8.78 21.84 10.08
CA ILE A 220 -8.44 23.24 9.81
C ILE A 220 -7.24 23.66 10.65
N SER A 221 -7.28 23.37 11.96
CA SER A 221 -6.16 23.72 12.83
C SER A 221 -4.95 22.85 12.57
N THR A 222 -5.17 21.58 12.18
CA THR A 222 -4.04 20.71 11.92
C THR A 222 -3.28 21.13 10.66
N MET A 223 -3.99 21.57 9.63
CA MET A 223 -3.34 22.02 8.41
C MET A 223 -2.80 23.44 8.54
N ALA A 224 -3.46 24.29 9.33
CA ALA A 224 -3.01 25.68 9.45
C ALA A 224 -1.76 25.79 10.31
N SER A 225 -1.67 25.00 11.38
CA SER A 225 -0.54 25.10 12.31
C SER A 225 0.74 24.51 11.75
N GLN A 226 0.75 23.99 10.52
CA GLN A 226 1.97 23.42 9.95
C GLN A 226 2.90 24.54 9.51
N LYS A 227 3.95 24.78 10.28
CA LYS A 227 4.98 25.76 9.96
C LYS A 227 6.33 25.08 9.87
N ASP A 228 7.15 25.52 8.92
CA ASP A 228 8.46 24.93 8.72
C ASP A 228 9.42 25.35 9.83
N ASN A 229 10.68 24.95 9.69
CA ASN A 229 11.70 25.31 10.67
C ASN A 229 11.93 26.81 10.76
N GLN A 230 11.59 27.56 9.71
CA GLN A 230 11.75 29.01 9.70
C GLN A 230 10.46 29.74 10.02
N GLY A 231 9.55 29.11 10.76
CA GLY A 231 8.33 29.75 11.22
C GLY A 231 7.30 30.04 10.16
N ASN A 232 7.70 30.12 8.90
CA ASN A 232 6.76 30.43 7.82
C ASN A 232 5.74 29.30 7.67
N PRO A 233 4.51 29.65 7.29
CA PRO A 233 3.51 28.61 7.04
C PRO A 233 3.94 27.68 5.92
N ALA A 234 3.74 26.38 6.13
CA ALA A 234 4.12 25.39 5.13
C ALA A 234 3.28 25.53 3.86
N LEU A 235 2.01 25.90 3.98
CA LEU A 235 1.14 26.15 2.86
C LEU A 235 0.45 27.50 3.03
N SER A 236 0.36 28.26 1.94
CA SER A 236 -0.35 29.53 1.98
C SER A 236 -1.83 29.30 2.29
N THR A 237 -2.45 30.33 2.87
CA THR A 237 -3.84 30.19 3.34
C THR A 237 -4.79 29.90 2.19
N GLU A 238 -4.53 30.47 1.02
CA GLU A 238 -5.38 30.22 -0.15
C GLU A 238 -5.42 28.74 -0.49
N ARG A 239 -4.25 28.09 -0.52
CA ARG A 239 -4.20 26.68 -0.86
C ARG A 239 -4.88 25.83 0.20
N ILE A 240 -4.72 26.18 1.47
CA ILE A 240 -5.36 25.42 2.54
C ILE A 240 -6.88 25.52 2.42
N ALA A 241 -7.40 26.71 2.11
CA ALA A 241 -8.83 26.88 1.95
C ALA A 241 -9.35 26.07 0.76
N LEU A 242 -8.64 26.15 -0.37
CA LEU A 242 -9.04 25.37 -1.54
C LEU A 242 -9.01 23.88 -1.25
N HIS A 243 -8.00 23.43 -0.50
CA HIS A 243 -7.90 22.02 -0.17
C HIS A 243 -8.99 21.59 0.79
N LEU A 244 -9.44 22.48 1.68
CA LEU A 244 -10.59 22.15 2.52
C LEU A 244 -11.85 22.00 1.69
N VAL A 245 -12.07 22.91 0.73
CA VAL A 245 -13.22 22.78 -0.17
C VAL A 245 -13.16 21.44 -0.90
N GLU A 246 -11.98 21.13 -1.46
CA GLU A 246 -11.82 19.89 -2.21
C GLU A 246 -12.02 18.67 -1.32
N ILE A 247 -11.55 18.73 -0.08
CA ILE A 247 -11.70 17.62 0.86
C ILE A 247 -13.17 17.35 1.13
N ALA A 248 -13.94 18.40 1.42
CA ALA A 248 -15.37 18.21 1.67
C ALA A 248 -16.06 17.63 0.43
N PHE A 249 -15.77 18.21 -0.74
CA PHE A 249 -16.49 17.80 -1.95
C PHE A 249 -16.09 16.40 -2.39
N ALA A 250 -14.87 15.96 -2.06
CA ALA A 250 -14.42 14.63 -2.45
C ALA A 250 -14.79 13.57 -1.42
N GLY A 251 -15.06 13.96 -0.18
CA GLY A 251 -15.43 12.99 0.83
C GLY A 251 -16.93 12.70 0.86
N THR A 252 -17.75 13.74 0.65
CA THR A 252 -19.19 13.59 0.88
C THR A 252 -19.79 12.48 0.03
N ASP A 253 -19.77 12.65 -1.30
CA ASP A 253 -20.42 11.70 -2.19
C ASP A 253 -19.79 10.32 -2.09
N THR A 254 -18.47 10.26 -1.98
CA THR A 254 -17.79 8.96 -1.93
C THR A 254 -18.24 8.16 -0.71
N THR A 255 -18.23 8.78 0.47
CA THR A 255 -18.61 8.05 1.67
C THR A 255 -20.09 7.71 1.66
N ALA A 256 -20.94 8.60 1.12
CA ALA A 256 -22.37 8.31 1.05
C ALA A 256 -22.64 7.11 0.15
N GLN A 257 -22.00 7.08 -1.03
CA GLN A 257 -22.16 5.94 -1.93
C GLN A 257 -21.61 4.66 -1.31
N MET A 258 -20.50 4.77 -0.58
CA MET A 258 -19.97 3.60 0.13
C MET A 258 -21.00 3.03 1.09
N MET A 259 -21.62 3.89 1.90
CA MET A 259 -22.61 3.42 2.87
C MET A 259 -23.82 2.81 2.17
N ALA A 260 -24.30 3.44 1.10
CA ALA A 260 -25.44 2.90 0.37
C ALA A 260 -25.13 1.52 -0.20
N ASN A 261 -23.97 1.37 -0.84
CA ASN A 261 -23.59 0.09 -1.41
C ASN A 261 -23.40 -0.97 -0.33
N ALA A 262 -22.87 -0.56 0.83
CA ALA A 262 -22.71 -1.52 1.92
C ALA A 262 -24.06 -1.98 2.45
N ILE A 263 -25.03 -1.07 2.53
CA ILE A 263 -26.39 -1.47 2.92
C ILE A 263 -26.94 -2.48 1.91
N LEU A 264 -26.75 -2.21 0.62
CA LEU A 264 -27.23 -3.12 -0.41
C LEU A 264 -26.59 -4.49 -0.29
N PHE A 265 -25.27 -4.52 -0.06
CA PHE A 265 -24.56 -5.80 0.02
C PHE A 265 -24.97 -6.57 1.28
N LEU A 266 -25.18 -5.88 2.40
CA LEU A 266 -25.66 -6.55 3.60
C LEU A 266 -27.08 -7.07 3.42
N ASP A 267 -27.87 -6.39 2.58
CA ASP A 267 -29.21 -6.92 2.28
C ASP A 267 -29.14 -8.15 1.40
N SER A 268 -28.22 -8.16 0.42
CA SER A 268 -28.08 -9.30 -0.47
C SER A 268 -27.41 -10.51 0.18
N HIS A 269 -26.76 -10.33 1.34
CA HIS A 269 -26.08 -11.42 2.04
C HIS A 269 -26.47 -11.36 3.51
N PRO A 270 -27.58 -12.02 3.89
CA PRO A 270 -28.04 -11.91 5.28
C PRO A 270 -27.16 -12.61 6.28
N GLU A 271 -26.47 -13.70 5.89
CA GLU A 271 -25.61 -14.39 6.84
C GLU A 271 -24.42 -13.53 7.24
N ALA A 272 -23.82 -12.83 6.27
CA ALA A 272 -22.74 -11.90 6.59
C ALA A 272 -23.26 -10.75 7.46
N LEU A 273 -24.51 -10.32 7.21
CA LEU A 273 -25.09 -9.27 8.04
C LEU A 273 -25.26 -9.73 9.48
N ALA A 274 -25.73 -10.96 9.68
CA ALA A 274 -25.86 -11.49 11.03
C ALA A 274 -24.50 -11.64 11.70
N ALA A 275 -23.50 -12.12 10.94
CA ALA A 275 -22.16 -12.26 11.50
C ALA A 275 -21.59 -10.91 11.92
N ALA A 276 -21.84 -9.87 11.13
CA ALA A 276 -21.38 -8.54 11.49
C ALA A 276 -22.15 -7.97 12.67
N LYS A 277 -23.44 -8.30 12.78
CA LYS A 277 -24.22 -7.87 13.95
C LYS A 277 -23.73 -8.55 15.22
N ALA A 278 -23.24 -9.79 15.10
CA ALA A 278 -22.77 -10.52 16.27
C ALA A 278 -21.40 -10.06 16.73
N ASP A 279 -20.53 -9.66 15.81
CA ASP A 279 -19.16 -9.29 16.12
C ASP A 279 -18.85 -7.93 15.51
N LYS A 280 -18.41 -6.99 16.34
CA LYS A 280 -18.13 -5.65 15.85
C LYS A 280 -16.90 -5.61 14.95
N THR A 281 -15.91 -6.46 15.22
CA THR A 281 -14.67 -6.45 14.45
C THR A 281 -14.87 -6.79 12.98
N LEU A 282 -16.04 -7.29 12.61
CA LEU A 282 -16.34 -7.57 11.21
C LEU A 282 -16.86 -6.36 10.45
N TRP A 283 -17.33 -5.33 11.14
CA TRP A 283 -17.90 -4.17 10.47
C TRP A 283 -16.90 -3.54 9.51
N SER A 284 -15.66 -3.35 9.97
CA SER A 284 -14.61 -2.82 9.09
C SER A 284 -14.47 -3.69 7.84
N ARG A 285 -14.51 -5.02 8.00
CA ARG A 285 -14.47 -5.90 6.84
C ARG A 285 -15.69 -5.70 5.96
N VAL A 286 -16.86 -5.52 6.56
CA VAL A 286 -18.06 -5.17 5.81
C VAL A 286 -17.80 -3.91 5.00
N PHE A 287 -17.00 -2.99 5.54
CA PHE A 287 -16.53 -1.85 4.75
C PHE A 287 -15.63 -2.34 3.62
N GLU A 288 -14.55 -3.03 3.97
CA GLU A 288 -13.48 -3.29 3.02
C GLU A 288 -13.94 -4.17 1.85
N GLU A 289 -14.82 -5.13 2.13
CA GLU A 289 -15.34 -5.97 1.06
C GLU A 289 -16.32 -5.20 0.18
N THR A 290 -17.02 -4.22 0.74
CA THR A 290 -17.93 -3.42 -0.05
C THR A 290 -17.16 -2.56 -1.05
N VAL A 291 -16.30 -1.67 -0.53
CA VAL A 291 -15.55 -0.75 -1.38
C VAL A 291 -14.67 -1.49 -2.36
N ARG A 292 -14.29 -2.73 -2.06
CA ARG A 292 -13.59 -3.56 -3.04
C ARG A 292 -14.55 -4.01 -4.14
N ARG A 293 -15.69 -4.57 -3.77
CA ARG A 293 -16.63 -5.08 -4.76
C ARG A 293 -17.30 -3.96 -5.53
N ARG A 294 -17.56 -2.82 -4.87
CA ARG A 294 -18.17 -1.66 -5.51
C ARG A 294 -17.47 -0.40 -5.03
N PRO A 295 -16.41 0.01 -5.70
CA PRO A 295 -15.74 1.26 -5.34
C PRO A 295 -16.62 2.46 -5.67
N SER A 296 -16.61 3.45 -4.77
CA SER A 296 -17.40 4.65 -4.99
C SER A 296 -17.00 5.36 -6.28
N ALA A 297 -15.69 5.51 -6.49
CA ALA A 297 -15.16 6.06 -7.73
C ALA A 297 -14.61 4.92 -8.57
N PRO A 298 -15.38 4.37 -9.52
CA PRO A 298 -14.91 3.19 -10.27
C PRO A 298 -13.90 3.50 -11.36
N PHE A 299 -13.45 4.74 -11.48
CA PHE A 299 -12.50 5.12 -12.51
C PHE A 299 -11.51 6.13 -11.96
N ALA A 300 -10.24 5.96 -12.27
CA ALA A 300 -9.19 6.89 -11.88
C ALA A 300 -8.45 7.37 -13.11
N GLY A 301 -8.38 8.68 -13.29
CA GLY A 301 -7.86 9.27 -14.52
C GLY A 301 -6.42 9.72 -14.37
N ARG A 302 -5.64 9.51 -15.44
CA ARG A 302 -4.27 10.00 -15.54
C ARG A 302 -4.03 10.42 -16.98
N ILE A 303 -2.89 11.06 -17.22
CA ILE A 303 -2.47 11.47 -18.56
C ILE A 303 -1.01 11.09 -18.74
N THR A 304 -0.69 10.49 -19.88
CA THR A 304 0.67 10.03 -20.15
C THR A 304 1.59 11.21 -20.48
N THR A 305 2.80 11.16 -19.93
CA THR A 305 3.82 12.16 -20.25
C THR A 305 4.68 11.75 -21.42
N THR A 306 4.74 10.46 -21.74
CA THR A 306 5.47 9.95 -22.89
C THR A 306 4.72 8.74 -23.43
N GLU A 307 5.29 8.10 -24.44
CA GLU A 307 4.68 6.91 -25.02
C GLU A 307 4.92 5.71 -24.10
N VAL A 308 3.87 4.94 -23.86
CA VAL A 308 3.92 3.83 -22.92
C VAL A 308 3.54 2.55 -23.65
N GLU A 309 3.93 1.42 -23.08
CA GLU A 309 3.53 0.11 -23.57
C GLU A 309 2.89 -0.65 -22.42
N ILE A 310 1.58 -0.91 -22.54
CA ILE A 310 0.83 -1.63 -21.52
C ILE A 310 0.14 -2.81 -22.21
N GLN A 311 0.45 -4.03 -21.74
CA GLN A 311 -0.09 -5.26 -22.32
C GLN A 311 0.23 -5.34 -23.82
N GLY A 312 1.40 -4.83 -24.21
CA GLY A 312 1.80 -4.77 -25.60
C GLY A 312 1.19 -3.62 -26.38
N VAL A 313 0.10 -3.03 -25.90
CA VAL A 313 -0.53 -1.91 -26.60
C VAL A 313 0.28 -0.65 -26.35
N LYS A 314 0.65 0.03 -27.43
CA LYS A 314 1.38 1.30 -27.35
C LYS A 314 0.39 2.46 -27.25
N ILE A 315 0.60 3.31 -26.25
CA ILE A 315 -0.24 4.47 -25.99
C ILE A 315 0.63 5.71 -26.17
N PRO A 316 0.27 6.63 -27.06
CA PRO A 316 1.11 7.79 -27.31
C PRO A 316 1.11 8.75 -26.12
N ALA A 317 1.99 9.75 -26.22
CA ALA A 317 2.10 10.76 -25.17
C ALA A 317 0.88 11.65 -25.13
N GLY A 318 0.56 12.14 -23.93
CA GLY A 318 -0.57 13.04 -23.75
C GLY A 318 -1.92 12.39 -23.89
N SER A 319 -1.99 11.06 -23.79
CA SER A 319 -3.25 10.35 -23.96
C SER A 319 -3.94 10.15 -22.61
N PRO A 320 -5.18 10.57 -22.45
CA PRO A 320 -5.90 10.33 -21.19
C PRO A 320 -6.20 8.86 -21.01
N VAL A 321 -5.79 8.31 -19.87
CA VAL A 321 -5.95 6.89 -19.56
C VAL A 321 -6.74 6.76 -18.27
N TRP A 322 -7.81 5.97 -18.31
CA TRP A 322 -8.62 5.66 -17.14
C TRP A 322 -8.31 4.25 -16.66
N VAL A 323 -8.11 4.10 -15.36
CA VAL A 323 -7.98 2.81 -14.70
C VAL A 323 -9.35 2.46 -14.14
N SER A 324 -9.87 1.30 -14.54
CA SER A 324 -11.14 0.80 -14.02
C SER A 324 -10.87 0.11 -12.70
N LEU A 325 -11.08 0.83 -11.59
CA LEU A 325 -10.82 0.26 -10.27
C LEU A 325 -11.71 -0.94 -9.99
N ALA A 326 -12.91 -0.98 -10.56
CA ALA A 326 -13.78 -2.13 -10.37
C ALA A 326 -13.19 -3.38 -11.01
N ALA A 327 -12.57 -3.24 -12.17
CA ALA A 327 -11.92 -4.39 -12.82
C ALA A 327 -10.69 -4.84 -12.05
N ALA A 328 -9.93 -3.89 -11.51
CA ALA A 328 -8.72 -4.24 -10.78
C ALA A 328 -9.04 -4.92 -9.46
N ASN A 329 -10.03 -4.40 -8.73
CA ASN A 329 -10.42 -5.01 -7.46
C ASN A 329 -11.09 -6.37 -7.65
N THR A 330 -11.65 -6.62 -8.84
CA THR A 330 -12.30 -7.89 -9.15
C THR A 330 -11.50 -8.69 -10.18
N ASP A 331 -10.19 -8.57 -10.15
CA ASP A 331 -9.33 -9.32 -11.05
C ASP A 331 -9.11 -10.72 -10.49
N PRO A 332 -9.47 -11.78 -11.22
CA PRO A 332 -9.19 -13.14 -10.73
C PRO A 332 -7.70 -13.44 -10.64
N ARG A 333 -6.85 -12.63 -11.25
CA ARG A 333 -5.40 -12.80 -11.13
C ARG A 333 -4.88 -12.36 -9.77
N HIS A 334 -5.72 -11.76 -8.93
CA HIS A 334 -5.27 -11.25 -7.63
C HIS A 334 -6.12 -11.80 -6.49
N VAL A 335 -7.39 -12.07 -6.75
CA VAL A 335 -8.31 -12.55 -5.72
C VAL A 335 -9.16 -13.68 -6.30
N GLY A 336 -9.27 -14.77 -5.55
CA GLY A 336 -10.13 -15.87 -5.95
C GLY A 336 -11.59 -15.57 -5.67
N CYS A 337 -12.45 -16.00 -6.60
CA CYS A 337 -13.87 -15.67 -6.59
C CYS A 337 -14.05 -14.16 -6.49
N PRO A 338 -13.69 -13.40 -7.54
CA PRO A 338 -13.65 -11.94 -7.40
C PRO A 338 -15.02 -11.29 -7.34
N MET A 339 -16.08 -11.97 -7.79
CA MET A 339 -17.41 -11.37 -7.84
C MET A 339 -18.26 -11.71 -6.64
N ASN A 340 -17.76 -12.53 -5.71
CA ASN A 340 -18.51 -12.84 -4.50
C ASN A 340 -18.30 -11.77 -3.44
N PHE A 341 -19.28 -11.63 -2.55
CA PHE A 341 -19.18 -10.72 -1.42
C PHE A 341 -18.90 -11.55 -0.17
N ASP A 342 -17.62 -11.83 0.04
CA ASP A 342 -17.15 -12.62 1.17
C ASP A 342 -16.36 -11.71 2.09
N ILE A 343 -16.93 -11.38 3.25
CA ILE A 343 -16.25 -10.52 4.22
C ILE A 343 -15.17 -11.26 5.02
N ASN A 344 -14.99 -12.55 4.78
CA ASN A 344 -14.03 -13.36 5.53
C ASN A 344 -12.75 -13.61 4.73
N ARG A 345 -12.33 -12.65 3.91
CA ARG A 345 -11.09 -12.78 3.17
C ARG A 345 -9.90 -12.44 4.05
N GLU A 346 -8.76 -13.08 3.77
CA GLU A 346 -7.58 -12.94 4.62
C GLU A 346 -6.90 -11.60 4.42
N ALA A 347 -6.91 -11.05 3.20
CA ALA A 347 -6.34 -9.74 2.93
C ALA A 347 -7.44 -8.77 2.54
N PRO A 348 -8.13 -8.16 3.51
CA PRO A 348 -9.29 -7.33 3.15
C PRO A 348 -8.92 -6.02 2.49
N GLN A 349 -7.88 -5.34 2.98
CA GLN A 349 -7.52 -4.02 2.48
C GLN A 349 -6.65 -4.07 1.23
N ASP A 350 -6.45 -5.25 0.64
CA ASP A 350 -5.61 -5.40 -0.55
C ASP A 350 -6.45 -5.15 -1.80
N HIS A 351 -6.82 -3.89 -1.98
CA HIS A 351 -7.58 -3.47 -3.15
C HIS A 351 -7.15 -2.06 -3.54
N LEU A 352 -7.61 -1.61 -4.71
CA LEU A 352 -7.29 -0.30 -5.23
C LEU A 352 -8.49 0.66 -5.15
N ALA A 353 -9.39 0.41 -4.20
CA ALA A 353 -10.53 1.29 -4.02
C ALA A 353 -10.12 2.68 -3.57
N PHE A 354 -8.94 2.82 -2.96
CA PHE A 354 -8.35 4.11 -2.64
C PHE A 354 -7.12 4.40 -3.48
N THR A 355 -6.94 3.64 -4.57
CA THR A 355 -5.80 3.75 -5.50
C THR A 355 -4.51 3.50 -4.72
N LYS A 356 -3.40 4.06 -5.21
CA LYS A 356 -2.08 3.76 -4.68
C LYS A 356 -1.12 4.83 -5.18
N GLY A 357 -0.12 5.14 -4.35
CA GLY A 357 0.88 6.11 -4.73
C GLY A 357 0.67 7.49 -4.13
N ARG A 358 1.00 8.53 -4.89
CA ARG A 358 0.90 9.89 -4.38
C ARG A 358 -0.55 10.30 -4.17
N HIS A 359 -1.42 10.03 -5.16
CA HIS A 359 -2.81 10.48 -5.11
C HIS A 359 -3.72 9.49 -4.37
N THR A 360 -3.17 8.71 -3.45
CA THR A 360 -4.01 7.84 -2.62
C THR A 360 -4.98 8.69 -1.81
N CYS A 361 -6.20 8.17 -1.63
CA CYS A 361 -7.25 8.87 -0.91
C CYS A 361 -6.82 9.18 0.52
N PRO A 362 -6.64 10.46 0.86
CA PRO A 362 -6.21 10.79 2.22
C PRO A 362 -7.30 10.66 3.26
N GLY A 363 -8.57 10.72 2.87
CA GLY A 363 -9.68 10.56 3.77
C GLY A 363 -10.05 9.13 4.09
N ALA A 364 -9.24 8.17 3.65
CA ALA A 364 -9.53 6.76 3.96
C ALA A 364 -9.59 6.47 5.45
N PRO A 365 -8.72 6.99 6.31
CA PRO A 365 -8.88 6.71 7.75
C PRO A 365 -10.23 7.17 8.31
N LEU A 366 -10.73 8.31 7.84
CA LEU A 366 -12.04 8.79 8.32
C LEU A 366 -13.16 7.94 7.75
N ALA A 367 -13.21 7.81 6.42
CA ALA A 367 -14.28 7.06 5.76
C ALA A 367 -14.49 5.70 6.42
N ARG A 368 -13.43 4.89 6.47
CA ARG A 368 -13.47 3.61 7.15
C ARG A 368 -14.12 3.75 8.52
N LEU A 369 -13.55 4.63 9.36
CA LEU A 369 -14.08 4.84 10.70
C LEU A 369 -15.56 5.18 10.64
N GLN A 370 -15.95 6.07 9.72
CA GLN A 370 -17.37 6.38 9.56
C GLN A 370 -18.15 5.17 9.11
N GLY A 371 -17.65 4.48 8.07
CA GLY A 371 -18.37 3.33 7.53
C GLY A 371 -18.58 2.24 8.56
N ALA A 372 -17.57 2.00 9.40
CA ALA A 372 -17.71 1.01 10.46
C ALA A 372 -18.64 1.49 11.56
N THR A 373 -18.71 2.80 11.81
CA THR A 373 -19.46 3.30 12.95
C THR A 373 -20.94 3.52 12.62
N GLY A 374 -21.23 4.13 11.48
CA GLY A 374 -22.60 4.41 11.12
C GLY A 374 -23.42 3.15 10.86
N LEU A 375 -22.98 2.35 9.89
CA LEU A 375 -23.70 1.15 9.50
C LEU A 375 -24.04 0.28 10.70
N ARG A 376 -23.04 0.02 11.56
CA ARG A 376 -23.27 -0.73 12.79
C ARG A 376 -24.46 -0.17 13.56
N VAL A 377 -24.41 1.13 13.88
CA VAL A 377 -25.51 1.77 14.59
C VAL A 377 -26.82 1.59 13.82
N LEU A 378 -26.76 1.70 12.49
CA LEU A 378 -27.95 1.54 11.68
C LEU A 378 -28.55 0.14 11.83
N PHE A 379 -27.70 -0.87 11.98
CA PHE A 379 -28.16 -2.22 12.23
C PHE A 379 -28.18 -2.58 13.71
N GLU A 380 -27.96 -1.59 14.57
CA GLU A 380 -28.16 -1.76 16.00
C GLU A 380 -29.49 -1.20 16.48
N ARG A 381 -29.99 -0.17 15.79
CA ARG A 381 -31.28 0.44 16.07
C ARG A 381 -32.40 -0.24 15.29
N LEU A 382 -32.19 -0.47 14.00
CA LEU A 382 -33.16 -1.10 13.10
C LEU A 382 -32.56 -2.41 12.60
N PRO A 383 -32.67 -3.50 13.38
CA PRO A 383 -31.99 -4.74 12.98
C PRO A 383 -32.59 -5.39 11.74
N GLU A 384 -33.91 -5.42 11.61
CA GLU A 384 -34.57 -6.11 10.51
C GLU A 384 -34.67 -5.22 9.26
N LEU A 385 -33.67 -4.37 9.04
CA LEU A 385 -33.65 -3.50 7.86
C LEU A 385 -33.54 -4.32 6.57
N LYS A 386 -34.50 -4.13 5.67
CA LYS A 386 -34.53 -4.84 4.40
C LYS A 386 -34.80 -3.84 3.27
N VAL A 387 -33.89 -3.79 2.31
CA VAL A 387 -34.02 -2.87 1.18
C VAL A 387 -35.23 -3.26 0.33
N VAL A 388 -36.12 -2.30 0.10
CA VAL A 388 -37.34 -2.50 -0.68
C VAL A 388 -36.99 -3.05 -2.07
N PRO A 389 -37.42 -4.26 -2.41
CA PRO A 389 -37.18 -4.77 -3.76
C PRO A 389 -38.02 -4.07 -4.80
N ASP A 390 -37.50 -4.03 -6.03
CA ASP A 390 -38.20 -3.49 -7.19
C ASP A 390 -38.53 -2.01 -7.00
N GLN A 391 -37.48 -1.21 -6.84
CA GLN A 391 -37.59 0.23 -6.79
C GLN A 391 -36.76 0.85 -7.91
N PRO A 392 -37.33 1.76 -8.70
CA PRO A 392 -36.61 2.30 -9.86
C PRO A 392 -35.27 2.90 -9.47
N LEU A 393 -34.21 2.40 -10.11
CA LEU A 393 -32.86 2.88 -9.84
C LEU A 393 -32.73 4.32 -10.31
N ASN A 394 -32.35 5.21 -9.41
CA ASN A 394 -32.17 6.63 -9.70
C ASN A 394 -30.69 6.97 -9.51
N PHE A 395 -29.98 7.12 -10.63
CA PHE A 395 -28.56 7.40 -10.63
C PHE A 395 -28.31 8.61 -11.52
N ALA A 396 -27.53 9.56 -11.02
CA ALA A 396 -27.11 10.69 -11.84
C ALA A 396 -26.20 10.18 -12.97
N PRO A 397 -26.61 10.30 -14.23
CA PRO A 397 -25.80 9.71 -15.32
C PRO A 397 -24.43 10.34 -15.45
N MET A 398 -23.47 9.81 -14.69
CA MET A 398 -22.10 10.28 -14.72
C MET A 398 -21.16 9.08 -14.76
N ALA A 399 -20.03 9.25 -15.44
CA ALA A 399 -19.09 8.16 -15.65
C ALA A 399 -18.11 8.03 -14.48
N LEU A 400 -17.47 9.14 -14.09
CA LEU A 400 -16.44 9.08 -13.06
C LEU A 400 -17.01 8.81 -11.67
N LEU A 401 -18.28 9.14 -11.43
CA LEU A 401 -18.87 9.02 -10.09
C LEU A 401 -20.36 8.77 -10.20
N PRO A 402 -20.77 7.51 -10.40
CA PRO A 402 -22.20 7.21 -10.41
C PRO A 402 -22.82 7.38 -9.02
N VAL A 403 -23.55 8.47 -8.82
CA VAL A 403 -24.13 8.81 -7.54
C VAL A 403 -25.58 8.34 -7.51
N ARG A 404 -25.92 7.51 -6.52
CA ARG A 404 -27.30 7.07 -6.33
C ARG A 404 -28.10 8.16 -5.64
N LEU A 405 -29.28 8.46 -6.17
CA LEU A 405 -30.10 9.55 -5.65
C LEU A 405 -31.18 9.10 -4.67
N SER A 406 -31.58 7.84 -4.71
CA SER A 406 -32.64 7.36 -3.83
C SER A 406 -32.41 5.90 -3.49
N LEU A 407 -32.74 5.55 -2.25
CA LEU A 407 -32.65 4.16 -1.79
C LEU A 407 -33.63 3.98 -0.65
N GLN A 408 -34.81 3.42 -0.95
CA GLN A 408 -35.85 3.23 0.04
C GLN A 408 -35.61 1.93 0.82
N VAL A 409 -35.62 2.03 2.15
CA VAL A 409 -35.43 0.87 3.01
C VAL A 409 -36.56 0.84 4.03
N ILE A 410 -36.82 -0.37 4.53
CA ILE A 410 -37.85 -0.60 5.54
C ILE A 410 -37.30 -1.54 6.59
N TRP A 411 -37.95 -1.56 7.75
CA TRP A 411 -37.55 -2.44 8.84
C TRP A 411 -38.76 -2.85 9.69
N ARG B 6 23.91 19.30 16.64
CA ARG B 6 23.01 18.43 15.90
C ARG B 6 22.41 17.38 16.85
N PRO B 7 21.15 17.03 16.62
CA PRO B 7 20.48 16.08 17.53
C PRO B 7 21.17 14.73 17.58
N GLN B 8 21.29 14.19 18.80
CA GLN B 8 21.89 12.89 19.05
C GLN B 8 20.78 11.85 19.27
N ALA B 9 21.14 10.70 19.85
CA ALA B 9 20.21 9.62 20.08
C ALA B 9 20.16 9.25 21.56
N PRO B 10 19.05 8.69 22.02
CA PRO B 10 19.00 8.22 23.42
C PRO B 10 20.04 7.14 23.69
N SER B 11 20.38 6.99 24.98
CA SER B 11 21.40 6.04 25.38
C SER B 11 21.01 4.61 25.02
N ASP B 12 19.74 4.25 25.20
CA ASP B 12 19.30 2.88 24.99
C ASP B 12 19.26 2.48 23.52
N PHE B 13 19.45 3.42 22.59
CA PHE B 13 19.38 3.13 21.16
C PHE B 13 20.75 2.65 20.70
N ASN B 14 20.86 1.34 20.48
CA ASN B 14 22.08 0.73 19.94
C ASN B 14 21.67 -0.47 19.10
N PRO B 15 21.65 -0.33 17.77
CA PRO B 15 21.23 -1.45 16.91
C PRO B 15 22.18 -2.64 16.92
N MET B 16 23.38 -2.50 17.48
CA MET B 16 24.35 -3.58 17.51
C MET B 16 24.38 -4.34 18.83
N SER B 17 23.50 -4.00 19.76
CA SER B 17 23.47 -4.68 21.05
C SER B 17 22.55 -5.90 20.98
N GLU B 18 22.72 -6.80 21.95
CA GLU B 18 21.88 -7.99 22.02
C GLU B 18 20.42 -7.62 22.30
N GLN B 19 20.19 -6.49 22.97
CA GLN B 19 18.82 -6.01 23.18
C GLN B 19 18.13 -5.75 21.84
N SER B 20 18.90 -5.29 20.84
CA SER B 20 18.34 -5.12 19.50
C SER B 20 18.16 -6.46 18.79
N PHE B 21 19.04 -7.42 19.05
CA PHE B 21 18.93 -8.73 18.42
C PHE B 21 17.72 -9.50 18.92
N ARG B 22 17.35 -9.30 20.19
CA ARG B 22 16.16 -9.99 20.71
C ARG B 22 14.88 -9.25 20.31
N ASP B 23 14.92 -7.92 20.26
CA ASP B 23 13.75 -7.12 19.91
C ASP B 23 14.24 -5.81 19.32
N PRO B 24 14.21 -5.66 17.99
CA PRO B 24 14.71 -4.42 17.39
C PRO B 24 13.87 -3.20 17.71
N ALA B 25 12.62 -3.38 18.11
CA ALA B 25 11.75 -2.24 18.41
C ALA B 25 11.91 -1.72 19.83
N SER B 26 12.51 -2.50 20.73
CA SER B 26 12.67 -2.06 22.11
C SER B 26 13.60 -0.87 22.22
N ILE B 27 14.66 -0.84 21.39
CA ILE B 27 15.59 0.28 21.41
C ILE B 27 15.07 1.50 20.68
N CYS B 28 13.91 1.38 20.02
CA CYS B 28 13.40 2.45 19.15
C CYS B 28 12.25 3.23 19.75
N GLN B 29 11.59 2.72 20.79
CA GLN B 29 10.45 3.42 21.37
C GLN B 29 10.84 4.80 21.90
N ARG B 30 11.75 4.82 22.89
CA ARG B 30 12.19 6.08 23.47
C ARG B 30 12.75 7.03 22.42
N ALA B 31 13.48 6.48 21.44
CA ALA B 31 14.02 7.32 20.37
C ALA B 31 12.91 7.99 19.60
N ARG B 32 11.94 7.20 19.09
CA ARG B 32 10.83 7.76 18.33
C ARG B 32 10.08 8.81 19.13
N GLU B 33 9.80 8.53 20.40
CA GLU B 33 9.04 9.47 21.21
C GLU B 33 9.82 10.76 21.43
N GLU B 34 11.08 10.66 21.85
CA GLU B 34 11.84 11.85 22.24
C GLU B 34 12.49 12.52 21.04
N THR B 35 13.24 11.78 20.23
CA THR B 35 13.96 12.31 19.08
C THR B 35 13.50 11.58 17.82
N PRO B 36 12.44 12.05 17.16
CA PRO B 36 11.90 11.29 16.02
C PRO B 36 12.86 11.21 14.85
N VAL B 37 13.60 12.27 14.57
CA VAL B 37 14.57 12.31 13.49
C VAL B 37 15.88 12.84 14.06
N PHE B 38 16.94 12.05 13.96
CA PHE B 38 18.22 12.44 14.56
C PHE B 38 19.35 11.99 13.65
N PHE B 39 20.58 12.15 14.14
CA PHE B 39 21.78 11.71 13.42
C PHE B 39 22.49 10.66 14.25
N TYR B 40 22.82 9.53 13.63
CA TYR B 40 23.59 8.46 14.25
C TYR B 40 25.00 8.52 13.71
N ALA B 41 25.95 8.88 14.58
CA ALA B 41 27.36 9.05 14.23
C ALA B 41 28.09 7.71 14.08
N PRO B 42 27.86 6.71 14.94
CA PRO B 42 28.53 5.42 14.72
C PRO B 42 28.27 4.81 13.35
N LEU B 43 27.14 5.14 12.73
CA LEU B 43 26.87 4.77 11.34
C LEU B 43 26.96 5.96 10.39
N GLY B 44 27.00 7.19 10.92
CA GLY B 44 27.14 8.36 10.08
C GLY B 44 25.95 8.64 9.18
N VAL B 45 24.74 8.29 9.61
CA VAL B 45 23.55 8.45 8.78
C VAL B 45 22.44 9.08 9.62
N TRP B 46 21.52 9.76 8.94
CA TRP B 46 20.34 10.24 9.62
C TRP B 46 19.41 9.07 9.93
N MET B 47 18.62 9.22 10.98
CA MET B 47 17.70 8.18 11.44
C MET B 47 16.30 8.75 11.55
N VAL B 48 15.35 8.07 10.91
CA VAL B 48 13.94 8.44 10.92
C VAL B 48 13.13 7.28 11.49
N THR B 49 12.29 7.57 12.48
CA THR B 49 11.61 6.55 13.26
C THR B 49 10.08 6.58 13.15
N ARG B 50 9.47 7.75 12.97
CA ARG B 50 8.02 7.84 12.97
C ARG B 50 7.44 7.36 11.65
N ARG B 51 6.27 6.70 11.73
CA ARG B 51 5.70 6.05 10.56
C ARG B 51 5.34 7.05 9.46
N GLU B 52 4.85 8.23 9.82
CA GLU B 52 4.56 9.26 8.82
C GLU B 52 5.80 9.60 8.01
N ASP B 53 6.88 9.99 8.70
CA ASP B 53 8.13 10.31 8.01
C ASP B 53 8.74 9.07 7.39
N ALA B 54 8.51 7.90 7.99
CA ALA B 54 9.02 6.66 7.40
C ALA B 54 8.43 6.43 6.03
N GLU B 55 7.10 6.50 5.92
CA GLU B 55 6.43 6.34 4.64
C GLU B 55 6.83 7.45 3.67
N ARG B 56 7.02 8.67 4.18
CA ARG B 56 7.46 9.76 3.31
C ARG B 56 8.81 9.44 2.67
N VAL B 57 9.79 9.04 3.49
CA VAL B 57 11.13 8.75 2.98
C VAL B 57 11.10 7.55 2.05
N LEU B 58 10.34 6.51 2.41
CA LEU B 58 10.28 5.31 1.57
C LEU B 58 9.52 5.53 0.26
N SER B 59 8.63 6.53 0.20
CA SER B 59 7.80 6.74 -0.97
C SER B 59 8.38 7.78 -1.93
N GLU B 60 8.72 8.97 -1.42
CA GLU B 60 9.25 10.05 -2.25
C GLU B 60 10.62 9.63 -2.79
N TRP B 61 10.62 8.88 -3.89
CA TRP B 61 11.87 8.45 -4.49
C TRP B 61 12.63 9.62 -5.10
N GLU B 62 11.91 10.63 -5.60
CA GLU B 62 12.58 11.78 -6.21
C GLU B 62 13.40 12.56 -5.19
N THR B 63 12.96 12.57 -3.93
CA THR B 63 13.68 13.28 -2.87
C THR B 63 14.62 12.36 -2.10
N PHE B 64 14.21 11.12 -1.85
CA PHE B 64 15.02 10.14 -1.12
C PHE B 64 15.36 9.01 -2.09
N SER B 65 16.51 9.13 -2.75
CA SER B 65 16.93 8.15 -3.74
C SER B 65 17.53 6.92 -3.06
N SER B 66 17.73 5.87 -3.86
CA SER B 66 18.24 4.58 -3.36
C SER B 66 19.66 4.30 -3.81
N LEU B 67 20.38 5.30 -4.31
CA LEU B 67 21.75 5.15 -4.84
C LEU B 67 22.79 4.84 -3.76
N ALA B 68 22.42 4.63 -2.50
CA ALA B 68 23.40 4.54 -1.41
C ALA B 68 24.28 3.31 -1.50
N ASN B 69 23.86 2.27 -2.22
CA ASN B 69 24.61 1.03 -2.33
C ASN B 69 25.22 0.92 -3.72
N SER B 70 26.52 0.59 -3.78
CA SER B 70 27.19 0.42 -5.06
C SER B 70 28.50 -0.33 -4.90
N PRO B 71 28.51 -1.65 -5.10
CA PRO B 71 29.78 -2.39 -5.15
C PRO B 71 30.53 -2.08 -6.44
N ASN B 72 31.84 -2.32 -6.40
CA ASN B 72 32.72 -2.09 -7.54
C ASN B 72 33.25 -3.42 -8.06
N VAL B 73 33.22 -3.58 -9.38
CA VAL B 73 33.64 -4.84 -9.99
C VAL B 73 35.16 -4.83 -10.15
N PRO B 74 35.84 -5.93 -9.80
CA PRO B 74 37.29 -5.99 -10.04
C PRO B 74 37.63 -5.89 -11.52
N GLU B 75 38.90 -5.62 -11.80
CA GLU B 75 39.32 -5.35 -13.17
C GLU B 75 39.32 -6.62 -14.01
N GLU B 76 39.79 -7.74 -13.43
CA GLU B 76 39.99 -8.96 -14.21
C GLU B 76 38.68 -9.61 -14.64
N PHE B 77 37.55 -9.21 -14.07
CA PHE B 77 36.25 -9.80 -14.41
C PHE B 77 35.38 -8.88 -15.26
N ARG B 78 35.92 -7.72 -15.69
CA ARG B 78 35.12 -6.78 -16.45
C ARG B 78 34.81 -7.26 -17.87
N SER B 79 35.56 -8.26 -18.37
CA SER B 79 35.24 -8.81 -19.67
C SER B 79 34.04 -9.74 -19.63
N ARG B 80 33.84 -10.44 -18.51
CA ARG B 80 32.70 -11.33 -18.34
C ARG B 80 31.56 -10.70 -17.57
N PHE B 81 31.84 -9.71 -16.73
CA PHE B 81 30.81 -9.03 -15.93
C PHE B 81 31.15 -7.53 -15.94
N ALA B 82 30.55 -6.81 -16.87
CA ALA B 82 30.85 -5.40 -17.03
C ALA B 82 30.41 -4.61 -15.80
N PRO B 83 31.12 -3.54 -15.47
CA PRO B 83 30.73 -2.73 -14.30
C PRO B 83 29.34 -2.11 -14.43
N SER B 84 28.88 -1.87 -15.66
CA SER B 84 27.53 -1.34 -15.83
C SER B 84 26.47 -2.34 -15.40
N VAL B 85 26.75 -3.64 -15.54
CA VAL B 85 25.81 -4.66 -15.07
C VAL B 85 25.64 -4.54 -13.56
N MET B 86 26.74 -4.41 -12.82
CA MET B 86 26.64 -4.19 -11.38
C MET B 86 25.99 -2.86 -11.07
N ALA B 87 26.21 -1.84 -11.90
CA ALA B 87 25.54 -0.56 -11.73
C ALA B 87 24.05 -0.65 -12.01
N ASP B 88 23.59 -1.74 -12.64
CA ASP B 88 22.18 -2.00 -12.84
C ASP B 88 21.57 -2.80 -11.70
N SER B 89 22.15 -2.74 -10.51
CA SER B 89 21.61 -3.46 -9.36
C SER B 89 20.23 -2.91 -9.00
N ILE B 90 19.30 -3.82 -8.69
CA ILE B 90 17.93 -3.44 -8.42
C ILE B 90 17.81 -2.56 -7.18
N VAL B 91 18.79 -2.64 -6.27
CA VAL B 91 18.78 -1.81 -5.07
C VAL B 91 19.48 -0.48 -5.28
N ALA B 92 20.20 -0.31 -6.40
CA ALA B 92 21.00 0.87 -6.64
C ALA B 92 20.51 1.68 -7.83
N ILE B 93 19.26 1.48 -8.25
CA ILE B 93 18.72 2.19 -9.40
C ILE B 93 17.45 2.92 -9.01
N ASP B 94 17.13 3.94 -9.79
CA ASP B 94 15.95 4.77 -9.65
C ASP B 94 15.28 4.90 -11.01
N PRO B 95 14.02 5.31 -11.06
CA PRO B 95 13.36 5.58 -12.34
C PRO B 95 14.22 6.49 -13.21
N PRO B 96 14.26 6.25 -14.53
CA PRO B 96 13.41 5.31 -15.25
C PRO B 96 13.97 3.89 -15.40
N ARG B 97 15.16 3.62 -14.84
CA ARG B 97 15.73 2.28 -14.97
C ARG B 97 15.11 1.31 -13.98
N HIS B 98 14.86 1.76 -12.74
CA HIS B 98 14.28 0.88 -11.74
C HIS B 98 12.88 0.44 -12.14
N THR B 99 12.09 1.34 -12.72
CA THR B 99 10.76 0.97 -13.19
C THR B 99 10.84 -0.03 -14.34
N GLN B 100 11.81 0.17 -15.25
CA GLN B 100 11.98 -0.76 -16.37
C GLN B 100 12.33 -2.15 -15.87
N ALA B 101 13.19 -2.26 -14.86
CA ALA B 101 13.51 -3.57 -14.31
C ALA B 101 12.34 -4.14 -13.52
N ARG B 102 11.62 -3.29 -12.80
CA ARG B 102 10.55 -3.75 -11.92
C ARG B 102 9.37 -4.30 -12.71
N ASN B 103 9.03 -3.66 -13.83
CA ASN B 103 7.91 -4.16 -14.64
C ASN B 103 8.11 -5.61 -15.04
N VAL B 104 9.36 -6.05 -15.18
CA VAL B 104 9.65 -7.44 -15.49
C VAL B 104 9.79 -8.29 -14.23
N ILE B 105 10.44 -7.75 -13.19
CA ILE B 105 10.68 -8.55 -11.99
C ILE B 105 9.37 -8.88 -11.29
N GLN B 106 8.48 -7.90 -11.15
CA GLN B 106 7.21 -8.10 -10.45
C GLN B 106 6.30 -9.07 -11.18
N ARG B 107 6.55 -9.32 -12.47
CA ARG B 107 5.71 -10.21 -13.26
C ARG B 107 5.80 -11.67 -12.81
N GLY B 108 6.88 -12.03 -12.10
CA GLY B 108 7.10 -13.38 -11.64
C GLY B 108 6.52 -13.72 -10.29
N PHE B 109 6.09 -12.72 -9.51
CA PHE B 109 5.57 -12.95 -8.17
C PHE B 109 4.07 -12.76 -8.08
N MET B 110 3.38 -12.78 -9.22
CA MET B 110 1.93 -12.63 -9.22
C MET B 110 1.26 -13.89 -8.68
N LYS B 111 0.01 -13.73 -8.27
CA LYS B 111 -0.74 -14.83 -7.67
C LYS B 111 -0.82 -16.06 -8.55
N PRO B 112 -1.14 -15.98 -9.85
CA PRO B 112 -1.15 -17.20 -10.68
C PRO B 112 0.19 -17.90 -10.76
N LYS B 113 1.29 -17.21 -10.46
CA LYS B 113 2.61 -17.82 -10.47
C LYS B 113 3.01 -18.38 -9.10
N ILE B 114 2.59 -17.74 -8.02
CA ILE B 114 3.05 -18.12 -6.69
C ILE B 114 2.11 -19.12 -6.02
N ASP B 115 0.79 -18.96 -6.18
CA ASP B 115 -0.16 -19.90 -5.61
C ASP B 115 0.12 -21.36 -5.98
N PRO B 116 0.48 -21.72 -7.22
CA PRO B 116 0.78 -23.12 -7.52
C PRO B 116 2.02 -23.65 -6.83
N LEU B 117 2.68 -22.86 -5.97
CA LEU B 117 3.84 -23.33 -5.24
C LEU B 117 3.50 -23.82 -3.84
N GLU B 118 2.30 -23.50 -3.34
CA GLU B 118 1.88 -23.98 -2.02
C GLU B 118 1.96 -25.50 -1.88
N PRO B 119 1.43 -26.31 -2.81
CA PRO B 119 1.58 -27.77 -2.65
C PRO B 119 3.03 -28.21 -2.69
N ILE B 120 3.85 -27.60 -3.54
CA ILE B 120 5.26 -27.93 -3.59
C ILE B 120 5.95 -27.58 -2.28
N ILE B 121 5.63 -26.40 -1.73
CA ILE B 121 6.20 -25.99 -0.45
C ILE B 121 5.82 -26.97 0.64
N GLU B 122 4.55 -27.38 0.68
CA GLU B 122 4.11 -28.33 1.70
C GLU B 122 4.79 -29.67 1.54
N GLN B 123 4.89 -30.16 0.30
CA GLN B 123 5.54 -31.45 0.04
C GLN B 123 7.00 -31.43 0.48
N ARG B 124 7.75 -30.39 0.08
CA ARG B 124 9.15 -30.34 0.45
C ARG B 124 9.34 -30.08 1.94
N ALA B 125 8.41 -29.37 2.58
CA ALA B 125 8.48 -29.18 4.02
C ALA B 125 8.27 -30.50 4.75
N HIS B 126 7.32 -31.32 4.29
CA HIS B 126 7.15 -32.65 4.87
C HIS B 126 8.39 -33.50 4.65
N GLU B 127 8.99 -33.42 3.46
CA GLU B 127 10.22 -34.16 3.20
C GLU B 127 11.34 -33.73 4.15
N ILE B 128 11.45 -32.42 4.41
CA ILE B 128 12.47 -31.92 5.32
C ILE B 128 12.20 -32.39 6.75
N ILE B 129 10.94 -32.31 7.19
CA ILE B 129 10.60 -32.74 8.54
C ILE B 129 10.87 -34.22 8.72
N ASP B 130 10.68 -35.03 7.67
CA ASP B 130 10.97 -36.46 7.75
C ASP B 130 12.41 -36.75 8.14
N ARG B 131 13.32 -35.78 7.99
CA ARG B 131 14.72 -36.00 8.30
C ARG B 131 14.98 -36.01 9.81
N PHE B 132 14.19 -35.26 10.58
CA PHE B 132 14.41 -35.16 12.02
C PHE B 132 13.14 -35.35 12.83
N ALA B 133 12.06 -35.83 12.22
CA ALA B 133 10.81 -36.01 12.96
C ALA B 133 10.89 -37.14 13.97
N GLY B 134 11.78 -38.11 13.77
CA GLY B 134 11.90 -39.21 14.70
C GLY B 134 12.77 -38.95 15.91
N GLU B 135 13.39 -37.78 16.00
CA GLU B 135 14.23 -37.43 17.13
C GLU B 135 13.36 -36.76 18.20
N SER B 136 13.97 -36.02 19.11
CA SER B 136 13.25 -35.27 20.14
C SER B 136 13.52 -33.77 20.11
N GLY B 137 14.53 -33.32 19.36
CA GLY B 137 14.80 -31.91 19.23
C GLY B 137 15.78 -31.68 18.11
N THR B 138 15.84 -30.43 17.65
CA THR B 138 16.68 -30.09 16.52
C THR B 138 16.96 -28.60 16.48
N GLU B 139 17.98 -28.24 15.72
CA GLU B 139 18.34 -26.86 15.43
C GLU B 139 17.47 -26.41 14.25
N ILE B 140 16.32 -25.80 14.58
CA ILE B 140 15.29 -25.55 13.58
C ILE B 140 15.70 -24.52 12.53
N MET B 141 16.75 -23.74 12.81
CA MET B 141 17.14 -22.67 11.89
C MET B 141 17.66 -23.24 10.57
N ASN B 142 18.81 -23.91 10.61
CA ASN B 142 19.39 -24.46 9.39
C ASN B 142 18.65 -25.70 8.92
N ASN B 143 18.11 -26.49 9.84
CA ASN B 143 17.48 -27.75 9.46
C ASN B 143 16.11 -27.56 8.83
N TYR B 144 15.39 -26.50 9.20
CA TYR B 144 14.05 -26.31 8.68
C TYR B 144 13.88 -24.94 8.02
N CYS B 145 13.98 -23.86 8.80
CA CYS B 145 13.74 -22.51 8.30
C CYS B 145 14.60 -22.20 7.07
N LEU B 146 15.91 -22.14 7.27
CA LEU B 146 16.80 -21.83 6.16
C LEU B 146 16.70 -22.88 5.05
N GLU B 147 16.57 -24.14 5.42
CA GLU B 147 16.46 -25.21 4.44
C GLU B 147 15.18 -25.08 3.61
N LEU B 148 14.06 -24.83 4.28
CA LEU B 148 12.80 -24.66 3.56
C LEU B 148 12.82 -23.42 2.69
N THR B 149 13.47 -22.34 3.14
CA THR B 149 13.57 -21.15 2.31
C THR B 149 14.41 -21.41 1.07
N THR B 150 15.52 -22.13 1.23
CA THR B 150 16.36 -22.44 0.07
C THR B 150 15.61 -23.32 -0.92
N ARG B 151 14.89 -24.34 -0.42
CA ARG B 151 14.13 -25.20 -1.32
C ARG B 151 12.97 -24.46 -1.97
N THR B 152 12.35 -23.52 -1.27
CA THR B 152 11.28 -22.73 -1.87
C THR B 152 11.81 -21.82 -2.97
N LEU B 153 12.97 -21.21 -2.73
CA LEU B 153 13.57 -20.37 -3.77
C LEU B 153 14.00 -21.22 -4.97
N MET B 154 14.49 -22.43 -4.72
CA MET B 154 14.84 -23.32 -5.84
C MET B 154 13.60 -23.76 -6.61
N ALA B 155 12.47 -23.95 -5.92
CA ALA B 155 11.23 -24.29 -6.60
C ALA B 155 10.72 -23.11 -7.43
N LEU B 156 10.84 -21.90 -6.88
CA LEU B 156 10.48 -20.71 -7.65
C LEU B 156 11.36 -20.57 -8.88
N TYR B 157 12.65 -20.87 -8.75
CA TYR B 157 13.55 -20.86 -9.90
C TYR B 157 13.43 -22.11 -10.76
N ASP B 158 12.82 -23.17 -10.22
CA ASP B 158 12.68 -24.47 -10.90
C ASP B 158 14.05 -25.00 -11.32
N LEU B 159 14.82 -25.38 -10.30
CA LEU B 159 16.16 -25.89 -10.49
C LEU B 159 16.29 -27.29 -9.90
N PRO B 160 17.06 -28.17 -10.52
CA PRO B 160 17.24 -29.52 -9.96
C PRO B 160 18.08 -29.49 -8.70
N LEU B 161 17.93 -30.55 -7.90
CA LEU B 161 18.64 -30.64 -6.63
C LEU B 161 20.15 -30.67 -6.81
N GLU B 162 20.64 -31.10 -7.97
CA GLU B 162 22.08 -31.10 -8.22
C GLU B 162 22.67 -29.70 -8.13
N ASP B 163 21.89 -28.68 -8.44
CA ASP B 163 22.33 -27.29 -8.34
C ASP B 163 22.06 -26.68 -6.97
N ARG B 164 21.60 -27.49 -6.01
CA ARG B 164 21.33 -26.95 -4.67
C ARG B 164 22.56 -26.39 -3.98
N PRO B 165 23.74 -27.07 -3.98
CA PRO B 165 24.91 -26.48 -3.31
C PRO B 165 25.24 -25.08 -3.82
N MET B 166 25.48 -24.96 -5.12
CA MET B 166 25.82 -23.67 -5.71
C MET B 166 24.82 -22.60 -5.33
N PHE B 167 23.52 -22.93 -5.41
CA PHE B 167 22.48 -21.96 -5.05
C PHE B 167 22.69 -21.45 -3.62
N GLU B 168 22.98 -22.35 -2.69
CA GLU B 168 23.31 -21.92 -1.34
C GLU B 168 24.50 -20.96 -1.35
N ARG B 169 25.57 -21.34 -2.06
CA ARG B 169 26.73 -20.46 -2.19
C ARG B 169 26.32 -19.08 -2.70
N ILE B 170 25.27 -19.01 -3.52
CA ILE B 170 24.84 -17.75 -4.11
C ILE B 170 24.60 -16.70 -3.02
N ARG B 171 24.09 -17.11 -1.86
CA ARG B 171 23.92 -16.11 -0.80
C ARG B 171 25.22 -15.90 -0.04
N ASP B 172 25.95 -16.98 0.24
CA ASP B 172 27.18 -16.87 1.03
C ASP B 172 28.19 -15.95 0.34
N VAL B 173 28.26 -16.02 -0.99
CA VAL B 173 29.15 -15.13 -1.73
C VAL B 173 28.64 -13.70 -1.64
N SER B 174 27.33 -13.51 -1.88
CA SER B 174 26.79 -12.17 -2.08
C SER B 174 27.07 -11.28 -0.88
N ILE B 175 26.77 -11.77 0.32
CA ILE B 175 27.02 -11.00 1.53
C ILE B 175 28.48 -10.54 1.59
N LYS B 176 29.40 -11.46 1.29
CA LYS B 176 30.81 -11.10 1.28
C LYS B 176 31.07 -9.95 0.31
N VAL B 177 30.49 -10.02 -0.89
CA VAL B 177 30.63 -8.95 -1.85
C VAL B 177 30.14 -7.63 -1.25
N LEU B 178 29.01 -7.67 -0.55
CA LEU B 178 28.50 -6.47 0.11
C LEU B 178 29.52 -5.92 1.10
N ALA B 179 30.19 -6.80 1.84
CA ALA B 179 31.18 -6.35 2.80
C ALA B 179 32.45 -5.82 2.15
N SER B 180 32.58 -5.91 0.82
CA SER B 180 33.86 -5.57 0.19
C SER B 180 34.18 -4.09 0.34
N VAL B 181 33.17 -3.23 0.23
CA VAL B 181 33.40 -1.80 0.39
C VAL B 181 33.76 -1.45 1.83
N TYR B 182 33.46 -2.34 2.78
CA TYR B 182 33.67 -2.05 4.19
C TYR B 182 34.87 -2.80 4.75
N GLU B 183 34.96 -4.11 4.49
CA GLU B 183 36.10 -4.93 4.87
C GLU B 183 36.67 -5.52 3.59
N PRO B 184 37.53 -4.77 2.90
CA PRO B 184 38.02 -5.23 1.59
C PRO B 184 38.69 -6.59 1.67
N MET B 185 38.46 -7.40 0.65
CA MET B 185 39.00 -8.76 0.59
C MET B 185 40.40 -8.73 -0.02
N GLN B 186 41.30 -9.51 0.58
CA GLN B 186 42.63 -9.67 0.03
C GLN B 186 42.69 -10.90 -0.86
N GLU B 187 43.83 -11.09 -1.50
CA GLU B 187 43.95 -12.24 -2.38
C GLU B 187 44.40 -13.47 -1.59
N PRO B 188 44.04 -14.69 -2.04
CA PRO B 188 43.17 -14.96 -3.19
C PRO B 188 41.69 -15.03 -2.84
N GLU B 189 41.30 -14.43 -1.71
CA GLU B 189 39.89 -14.46 -1.32
C GLU B 189 39.04 -13.61 -2.26
N LYS B 190 39.55 -12.43 -2.62
CA LYS B 190 38.81 -11.53 -3.50
C LYS B 190 38.52 -12.20 -4.84
N SER B 191 39.57 -12.72 -5.49
CA SER B 191 39.40 -13.36 -6.80
C SER B 191 38.47 -14.54 -6.73
N ARG B 192 38.63 -15.40 -5.71
CA ARG B 192 37.81 -16.59 -5.59
C ARG B 192 36.34 -16.24 -5.39
N VAL B 193 36.06 -15.33 -4.45
CA VAL B 193 34.69 -14.95 -4.15
C VAL B 193 34.03 -14.30 -5.36
N TRP B 194 34.74 -13.35 -5.98
CA TRP B 194 34.17 -12.66 -7.14
C TRP B 194 34.00 -13.60 -8.33
N ASN B 195 34.88 -14.59 -8.48
CA ASN B 195 34.74 -15.52 -9.58
C ASN B 195 33.56 -16.46 -9.37
N GLU B 196 33.32 -16.89 -8.12
CA GLU B 196 32.11 -17.66 -7.83
C GLU B 196 30.86 -16.83 -8.08
N TYR B 197 30.89 -15.55 -7.70
CA TYR B 197 29.76 -14.66 -7.97
C TYR B 197 29.47 -14.57 -9.46
N VAL B 198 30.52 -14.31 -10.25
CA VAL B 198 30.35 -14.21 -11.70
C VAL B 198 29.94 -15.55 -12.31
N SER B 199 30.37 -16.66 -11.70
CA SER B 199 29.97 -17.97 -12.21
C SER B 199 28.49 -18.22 -12.00
N GLY B 200 27.97 -17.87 -10.82
CA GLY B 200 26.53 -17.96 -10.61
C GLY B 200 25.76 -17.02 -11.52
N TYR B 201 26.30 -15.81 -11.73
CA TYR B 201 25.68 -14.87 -12.66
C TYR B 201 25.60 -15.45 -14.06
N GLU B 202 26.68 -16.10 -14.52
CA GLU B 202 26.69 -16.69 -15.86
C GLU B 202 25.77 -17.90 -15.94
N TYR B 203 25.64 -18.66 -14.86
CA TYR B 203 24.69 -19.76 -14.82
C TYR B 203 23.27 -19.25 -15.01
N PHE B 204 22.90 -18.20 -14.30
CA PHE B 204 21.58 -17.60 -14.49
C PHE B 204 21.45 -16.97 -15.88
N TYR B 205 22.54 -16.42 -16.41
CA TYR B 205 22.55 -15.89 -17.77
C TYR B 205 22.18 -16.98 -18.78
N GLN B 206 22.83 -18.14 -18.65
CA GLN B 206 22.53 -19.25 -19.56
C GLN B 206 21.12 -19.77 -19.37
N LEU B 207 20.63 -19.81 -18.12
CA LEU B 207 19.25 -20.25 -17.90
C LEU B 207 18.25 -19.28 -18.52
N VAL B 208 18.56 -17.98 -18.50
CA VAL B 208 17.68 -17.01 -19.14
C VAL B 208 17.75 -17.15 -20.65
N GLU B 209 18.94 -17.38 -21.20
CA GLU B 209 19.07 -17.55 -22.64
C GLU B 209 18.32 -18.79 -23.12
N GLN B 210 18.32 -19.86 -22.32
CA GLN B 210 17.64 -21.08 -22.71
C GLN B 210 16.13 -21.00 -22.52
N ARG B 211 15.68 -20.28 -21.48
CA ARG B 211 14.27 -20.10 -21.21
C ARG B 211 13.74 -18.77 -21.72
N ARG B 212 14.37 -18.20 -22.74
CA ARG B 212 13.95 -16.90 -23.25
C ARG B 212 12.56 -16.95 -23.86
N ASN B 213 12.20 -18.06 -24.49
CA ASN B 213 10.89 -18.24 -25.11
C ASN B 213 10.04 -19.27 -24.37
N SER B 214 10.30 -19.47 -23.08
CA SER B 214 9.57 -20.43 -22.29
C SER B 214 8.38 -19.77 -21.61
N ASP B 215 7.25 -20.50 -21.58
CA ASP B 215 6.02 -20.00 -20.98
C ASP B 215 5.63 -20.85 -19.76
N ALA B 216 6.56 -21.01 -18.82
CA ALA B 216 6.35 -21.81 -17.62
C ALA B 216 6.20 -20.89 -16.40
N ARG B 217 6.11 -21.51 -15.21
CA ARG B 217 5.87 -20.76 -13.98
C ARG B 217 7.15 -20.19 -13.40
N ASP B 218 8.28 -20.85 -13.60
CA ASP B 218 9.54 -20.41 -13.01
C ASP B 218 9.84 -18.95 -13.33
N ILE B 219 10.39 -18.24 -12.33
CA ILE B 219 10.67 -16.82 -12.48
C ILE B 219 11.61 -16.57 -13.64
N ILE B 220 12.49 -17.53 -13.95
CA ILE B 220 13.41 -17.36 -15.06
C ILE B 220 12.64 -17.27 -16.38
N SER B 221 11.71 -18.20 -16.60
CA SER B 221 10.91 -18.17 -17.81
C SER B 221 9.91 -17.03 -17.80
N THR B 222 9.41 -16.66 -16.62
CA THR B 222 8.43 -15.57 -16.54
C THR B 222 9.09 -14.23 -16.87
N MET B 223 10.32 -14.01 -16.41
CA MET B 223 11.03 -12.78 -16.70
C MET B 223 11.64 -12.79 -18.09
N ALA B 224 12.05 -13.95 -18.59
CA ALA B 224 12.69 -14.02 -19.90
C ALA B 224 11.70 -13.86 -21.04
N SER B 225 10.50 -14.42 -20.89
CA SER B 225 9.50 -14.36 -21.95
C SER B 225 8.87 -12.98 -22.10
N GLN B 226 9.28 -12.00 -21.31
CA GLN B 226 8.74 -10.65 -21.39
C GLN B 226 9.32 -9.96 -22.61
N LYS B 227 8.50 -9.76 -23.63
CA LYS B 227 8.91 -9.09 -24.85
C LYS B 227 8.07 -7.83 -25.04
N ASP B 228 8.72 -6.75 -25.48
CA ASP B 228 8.02 -5.50 -25.70
C ASP B 228 7.19 -5.59 -26.99
N ASN B 229 6.55 -4.47 -27.35
CA ASN B 229 5.81 -4.44 -28.60
C ASN B 229 6.72 -4.60 -29.81
N GLN B 230 8.00 -4.29 -29.67
CA GLN B 230 8.97 -4.42 -30.76
C GLN B 230 9.78 -5.71 -30.67
N GLY B 231 9.24 -6.75 -30.05
CA GLY B 231 9.88 -8.05 -30.02
C GLY B 231 11.14 -8.12 -29.18
N ASN B 232 11.76 -6.97 -28.94
CA ASN B 232 13.00 -6.92 -28.18
C ASN B 232 12.75 -7.37 -26.74
N PRO B 233 13.73 -8.02 -26.11
CA PRO B 233 13.57 -8.39 -24.70
C PRO B 233 13.40 -7.15 -23.83
N ALA B 234 12.44 -7.23 -22.90
CA ALA B 234 12.18 -6.10 -22.02
C ALA B 234 13.37 -5.82 -21.10
N LEU B 235 14.09 -6.87 -20.69
CA LEU B 235 15.30 -6.73 -19.91
C LEU B 235 16.41 -7.55 -20.57
N SER B 236 17.60 -6.96 -20.64
CA SER B 236 18.75 -7.68 -21.17
C SER B 236 19.08 -8.88 -20.27
N THR B 237 19.73 -9.88 -20.88
CA THR B 237 20.01 -11.12 -20.16
C THR B 237 20.91 -10.87 -18.95
N GLU B 238 21.87 -9.94 -19.08
CA GLU B 238 22.72 -9.58 -17.95
C GLU B 238 21.88 -9.07 -16.78
N ARG B 239 20.93 -8.19 -17.07
CA ARG B 239 20.08 -7.62 -16.03
C ARG B 239 19.21 -8.69 -15.37
N ILE B 240 18.66 -9.61 -16.16
CA ILE B 240 17.84 -10.66 -15.60
C ILE B 240 18.66 -11.59 -14.72
N ALA B 241 19.88 -11.92 -15.16
CA ALA B 241 20.75 -12.79 -14.35
C ALA B 241 21.13 -12.11 -13.04
N LEU B 242 21.53 -10.84 -13.10
CA LEU B 242 21.88 -10.12 -11.88
C LEU B 242 20.69 -10.03 -10.94
N HIS B 243 19.49 -9.78 -11.48
CA HIS B 243 18.31 -9.67 -10.63
C HIS B 243 17.93 -11.02 -10.03
N LEU B 244 18.16 -12.12 -10.76
CA LEU B 244 17.93 -13.44 -10.17
C LEU B 244 18.91 -13.70 -9.02
N VAL B 245 20.18 -13.34 -9.21
CA VAL B 245 21.17 -13.48 -8.14
C VAL B 245 20.72 -12.68 -6.92
N GLU B 246 20.32 -11.42 -7.14
CA GLU B 246 19.92 -10.56 -6.03
C GLU B 246 18.67 -11.09 -5.34
N ILE B 247 17.71 -11.62 -6.11
CA ILE B 247 16.49 -12.16 -5.53
C ILE B 247 16.82 -13.36 -4.64
N ALA B 248 17.65 -14.27 -5.16
CA ALA B 248 18.05 -15.43 -4.37
C ALA B 248 18.75 -15.01 -3.08
N PHE B 249 19.68 -14.05 -3.18
CA PHE B 249 20.43 -13.66 -2.00
C PHE B 249 19.59 -12.87 -1.00
N ALA B 250 18.56 -12.15 -1.48
CA ALA B 250 17.75 -11.30 -0.62
C ALA B 250 16.54 -12.01 -0.02
N GLY B 251 16.08 -13.11 -0.60
CA GLY B 251 14.92 -13.78 -0.04
C GLY B 251 15.21 -14.78 1.07
N THR B 252 16.33 -15.49 0.93
CA THR B 252 16.63 -16.62 1.82
C THR B 252 16.71 -16.17 3.28
N ASP B 253 17.66 -15.29 3.59
CA ASP B 253 17.87 -14.89 4.98
C ASP B 253 16.64 -14.20 5.56
N THR B 254 15.98 -13.36 4.76
CA THR B 254 14.81 -12.65 5.26
C THR B 254 13.70 -13.60 5.64
N THR B 255 13.38 -14.55 4.76
CA THR B 255 12.29 -15.47 5.05
C THR B 255 12.66 -16.43 6.18
N ALA B 256 13.94 -16.84 6.25
CA ALA B 256 14.36 -17.71 7.34
C ALA B 256 14.24 -17.00 8.69
N GLN B 257 14.68 -15.74 8.76
CA GLN B 257 14.53 -14.97 9.98
C GLN B 257 13.06 -14.76 10.31
N MET B 258 12.22 -14.55 9.30
CA MET B 258 10.79 -14.45 9.53
C MET B 258 10.25 -15.71 10.20
N MET B 259 10.61 -16.88 9.67
CA MET B 259 10.10 -18.12 10.24
C MET B 259 10.62 -18.32 11.66
N ALA B 260 11.90 -18.02 11.91
CA ALA B 260 12.44 -18.16 13.25
C ALA B 260 11.71 -17.25 14.24
N ASN B 261 11.50 -15.99 13.85
CA ASN B 261 10.80 -15.05 14.73
C ASN B 261 9.36 -15.47 14.96
N ALA B 262 8.70 -16.03 13.93
CA ALA B 262 7.33 -16.49 14.09
C ALA B 262 7.27 -17.67 15.04
N ILE B 263 8.24 -18.58 14.96
CA ILE B 263 8.32 -19.67 15.92
C ILE B 263 8.49 -19.14 17.33
N LEU B 264 9.37 -18.15 17.49
CA LEU B 264 9.58 -17.55 18.82
C LEU B 264 8.31 -16.91 19.36
N PHE B 265 7.59 -16.18 18.50
CA PHE B 265 6.38 -15.51 18.95
C PHE B 265 5.28 -16.50 19.29
N LEU B 266 5.16 -17.57 18.50
CA LEU B 266 4.18 -18.60 18.81
C LEU B 266 4.55 -19.35 20.09
N ASP B 267 5.84 -19.44 20.41
CA ASP B 267 6.24 -20.04 21.68
C ASP B 267 5.91 -19.11 22.84
N SER B 268 6.13 -17.81 22.66
CA SER B 268 5.84 -16.84 23.71
C SER B 268 4.35 -16.56 23.88
N HIS B 269 3.52 -16.95 22.90
CA HIS B 269 2.07 -16.74 22.95
C HIS B 269 1.39 -18.04 22.55
N PRO B 270 1.19 -18.96 23.50
CA PRO B 270 0.63 -20.27 23.14
C PRO B 270 -0.84 -20.25 22.78
N GLU B 271 -1.62 -19.33 23.36
CA GLU B 271 -3.05 -19.29 23.07
C GLU B 271 -3.32 -18.92 21.61
N ALA B 272 -2.56 -17.95 21.09
CA ALA B 272 -2.68 -17.63 19.67
C ALA B 272 -2.24 -18.80 18.81
N LEU B 273 -1.25 -19.58 19.26
CA LEU B 273 -0.83 -20.76 18.52
C LEU B 273 -1.93 -21.80 18.45
N ALA B 274 -2.63 -22.05 19.57
CA ALA B 274 -3.74 -22.99 19.52
C ALA B 274 -4.87 -22.49 18.63
N ALA B 275 -5.18 -21.20 18.74
CA ALA B 275 -6.25 -20.63 17.90
C ALA B 275 -5.90 -20.76 16.43
N ALA B 276 -4.62 -20.55 16.09
CA ALA B 276 -4.18 -20.71 14.71
C ALA B 276 -4.18 -22.18 14.29
N LYS B 277 -3.90 -23.08 15.22
CA LYS B 277 -4.00 -24.51 14.91
C LYS B 277 -5.42 -24.90 14.58
N ALA B 278 -6.41 -24.24 15.20
CA ALA B 278 -7.79 -24.61 14.92
C ALA B 278 -8.27 -24.10 13.56
N ASP B 279 -7.80 -22.93 13.12
CA ASP B 279 -8.25 -22.33 11.88
C ASP B 279 -7.04 -21.92 11.03
N LYS B 280 -7.00 -22.39 9.78
CA LYS B 280 -5.86 -22.10 8.93
C LYS B 280 -5.78 -20.62 8.53
N THR B 281 -6.93 -19.95 8.43
CA THR B 281 -6.95 -18.55 7.99
C THR B 281 -6.21 -17.62 8.94
N LEU B 282 -5.84 -18.08 10.14
CA LEU B 282 -5.06 -17.28 11.06
C LEU B 282 -3.56 -17.34 10.80
N TRP B 283 -3.09 -18.36 10.07
CA TRP B 283 -1.66 -18.52 9.85
C TRP B 283 -1.06 -17.28 9.19
N SER B 284 -1.73 -16.78 8.14
CA SER B 284 -1.27 -15.55 7.49
C SER B 284 -1.15 -14.42 8.50
N ARG B 285 -2.14 -14.30 9.40
CA ARG B 285 -2.06 -13.29 10.45
C ARG B 285 -0.88 -13.56 11.37
N VAL B 286 -0.66 -14.84 11.71
CA VAL B 286 0.55 -15.21 12.46
C VAL B 286 1.79 -14.74 11.72
N PHE B 287 1.76 -14.75 10.39
CA PHE B 287 2.80 -14.13 9.60
C PHE B 287 2.81 -12.62 9.81
N GLU B 288 1.67 -11.97 9.54
CA GLU B 288 1.64 -10.53 9.42
C GLU B 288 1.96 -9.84 10.74
N GLU B 289 1.52 -10.42 11.86
CA GLU B 289 1.85 -9.84 13.16
C GLU B 289 3.31 -10.05 13.51
N THR B 290 3.92 -11.13 13.02
CA THR B 290 5.34 -11.36 13.29
C THR B 290 6.21 -10.32 12.60
N VAL B 291 6.13 -10.26 11.26
CA VAL B 291 6.96 -9.32 10.50
C VAL B 291 6.68 -7.88 10.89
N ARG B 292 5.49 -7.59 11.42
CA ARG B 292 5.23 -6.27 11.97
C ARG B 292 5.98 -6.06 13.27
N ARG B 293 5.83 -7.01 14.21
CA ARG B 293 6.45 -6.85 15.51
C ARG B 293 7.97 -6.96 15.44
N ARG B 294 8.47 -7.83 14.57
CA ARG B 294 9.92 -8.01 14.38
C ARG B 294 10.21 -8.16 12.90
N PRO B 295 10.44 -7.04 12.21
CA PRO B 295 10.80 -7.12 10.78
C PRO B 295 12.18 -7.72 10.60
N SER B 296 12.31 -8.56 9.57
CA SER B 296 13.59 -9.19 9.27
C SER B 296 14.67 -8.14 8.99
N ALA B 297 14.35 -7.17 8.14
CA ALA B 297 15.26 -6.05 7.87
C ALA B 297 14.74 -4.82 8.61
N PRO B 298 15.26 -4.51 9.80
CA PRO B 298 14.74 -3.38 10.58
C PRO B 298 15.21 -2.01 10.11
N PHE B 299 15.93 -1.92 9.00
CA PHE B 299 16.43 -0.64 8.51
C PHE B 299 16.35 -0.60 7.00
N ALA B 300 15.90 0.53 6.46
CA ALA B 300 15.83 0.75 5.03
C ALA B 300 16.60 2.02 4.68
N GLY B 301 17.56 1.92 3.77
CA GLY B 301 18.46 3.02 3.47
C GLY B 301 18.04 3.79 2.23
N ARG B 302 18.18 5.11 2.29
CA ARG B 302 17.94 6.00 1.16
C ARG B 302 18.98 7.10 1.21
N ILE B 303 19.02 7.91 0.15
CA ILE B 303 19.90 9.08 0.09
C ILE B 303 19.10 10.26 -0.43
N THR B 304 19.26 11.41 0.22
CA THR B 304 18.52 12.61 -0.15
C THR B 304 19.10 13.23 -1.40
N THR B 305 18.21 13.67 -2.31
CA THR B 305 18.64 14.36 -3.52
C THR B 305 18.72 15.87 -3.34
N THR B 306 18.04 16.43 -2.35
CA THR B 306 18.10 17.86 -2.07
C THR B 306 17.97 18.05 -0.56
N GLU B 307 17.90 19.31 -0.13
CA GLU B 307 17.74 19.62 1.28
C GLU B 307 16.30 19.34 1.72
N VAL B 308 16.15 18.66 2.84
CA VAL B 308 14.84 18.23 3.33
C VAL B 308 14.64 18.77 4.74
N GLU B 309 13.38 18.87 5.15
CA GLU B 309 13.01 19.19 6.52
C GLU B 309 12.08 18.12 7.03
N ILE B 310 12.53 17.33 8.01
CA ILE B 310 11.73 16.25 8.58
C ILE B 310 11.65 16.48 10.09
N GLN B 311 10.42 16.61 10.60
CA GLN B 311 10.19 16.87 12.03
C GLN B 311 10.91 18.13 12.49
N GLY B 312 10.98 19.13 11.62
CA GLY B 312 11.71 20.35 11.90
C GLY B 312 13.21 20.24 11.74
N VAL B 313 13.76 19.03 11.72
CA VAL B 313 15.20 18.83 11.56
C VAL B 313 15.56 19.05 10.09
N LYS B 314 16.57 19.89 9.86
CA LYS B 314 17.07 20.17 8.52
C LYS B 314 18.12 19.13 8.14
N ILE B 315 17.94 18.51 7.00
CA ILE B 315 18.84 17.48 6.49
C ILE B 315 19.44 18.00 5.19
N PRO B 316 20.76 18.11 5.08
CA PRO B 316 21.36 18.65 3.86
C PRO B 316 21.22 17.67 2.69
N ALA B 317 21.59 18.16 1.52
CA ALA B 317 21.52 17.33 0.31
C ALA B 317 22.58 16.24 0.34
N GLY B 318 22.25 15.11 -0.27
CA GLY B 318 23.19 14.00 -0.33
C GLY B 318 23.41 13.28 0.97
N SER B 319 22.50 13.42 1.94
CA SER B 319 22.70 12.79 3.24
C SER B 319 22.04 11.42 3.28
N PRO B 320 22.78 10.37 3.62
CA PRO B 320 22.16 9.04 3.75
C PRO B 320 21.25 8.97 4.96
N VAL B 321 20.01 8.55 4.73
CA VAL B 321 18.98 8.49 5.76
C VAL B 321 18.46 7.06 5.85
N TRP B 322 18.45 6.52 7.06
CA TRP B 322 17.90 5.20 7.33
C TRP B 322 16.54 5.35 8.03
N VAL B 323 15.56 4.59 7.54
CA VAL B 323 14.26 4.48 8.17
C VAL B 323 14.28 3.23 9.04
N SER B 324 13.99 3.40 10.32
CA SER B 324 13.90 2.28 11.25
C SER B 324 12.52 1.65 11.12
N LEU B 325 12.43 0.57 10.34
CA LEU B 325 11.14 -0.09 10.13
C LEU B 325 10.56 -0.64 11.42
N ALA B 326 11.42 -1.02 12.37
CA ALA B 326 10.93 -1.51 13.66
C ALA B 326 10.20 -0.41 14.43
N ALA B 327 10.73 0.81 14.38
CA ALA B 327 10.06 1.92 15.06
C ALA B 327 8.74 2.28 14.37
N ALA B 328 8.71 2.23 13.04
CA ALA B 328 7.50 2.57 12.31
C ALA B 328 6.40 1.54 12.52
N ASN B 329 6.76 0.25 12.50
CA ASN B 329 5.78 -0.81 12.69
C ASN B 329 5.24 -0.84 14.12
N THR B 330 5.97 -0.29 15.08
CA THR B 330 5.55 -0.24 16.48
C THR B 330 5.25 1.17 16.93
N ASP B 331 4.73 2.00 16.03
CA ASP B 331 4.38 3.37 16.37
C ASP B 331 3.00 3.39 17.02
N PRO B 332 2.86 3.86 18.26
CA PRO B 332 1.53 3.97 18.88
C PRO B 332 0.63 4.98 18.19
N ARG B 333 1.17 5.85 17.34
CA ARG B 333 0.38 6.79 16.57
C ARG B 333 -0.38 6.13 15.42
N HIS B 334 -0.13 4.85 15.15
CA HIS B 334 -0.79 4.16 14.05
C HIS B 334 -1.50 2.89 14.51
N VAL B 335 -0.99 2.26 15.55
CA VAL B 335 -1.53 1.00 16.05
C VAL B 335 -1.60 1.06 17.57
N GLY B 336 -2.74 0.67 18.13
CA GLY B 336 -2.87 0.59 19.58
C GLY B 336 -2.19 -0.65 20.13
N CYS B 337 -1.56 -0.49 21.29
CA CYS B 337 -0.71 -1.52 21.89
C CYS B 337 0.32 -1.96 20.86
N PRO B 338 1.29 -1.12 20.52
CA PRO B 338 2.19 -1.44 19.40
C PRO B 338 3.20 -2.52 19.71
N MET B 339 3.47 -2.80 20.98
CA MET B 339 4.46 -3.79 21.37
C MET B 339 3.84 -5.15 21.69
N ASN B 340 2.52 -5.27 21.64
CA ASN B 340 1.86 -6.54 21.90
C ASN B 340 1.83 -7.39 20.65
N PHE B 341 1.75 -8.71 20.85
CA PHE B 341 1.63 -9.67 19.75
C PHE B 341 0.17 -10.14 19.69
N ASP B 342 -0.64 -9.36 19.00
CA ASP B 342 -2.06 -9.66 18.81
C ASP B 342 -2.29 -9.96 17.34
N ILE B 343 -2.55 -11.23 17.03
CA ILE B 343 -2.80 -11.64 15.65
C ILE B 343 -4.21 -11.30 15.18
N ASN B 344 -5.05 -10.73 16.04
CA ASN B 344 -6.43 -10.43 15.70
C ASN B 344 -6.64 -8.94 15.39
N ARG B 345 -5.64 -8.29 14.79
CA ARG B 345 -5.79 -6.89 14.40
C ARG B 345 -6.57 -6.78 13.10
N GLU B 346 -7.29 -5.66 12.96
CA GLU B 346 -8.19 -5.50 11.82
C GLU B 346 -7.43 -5.20 10.53
N ALA B 347 -6.33 -4.45 10.63
CA ALA B 347 -5.51 -4.16 9.47
C ALA B 347 -4.14 -4.82 9.62
N PRO B 348 -4.00 -6.10 9.27
CA PRO B 348 -2.74 -6.79 9.53
C PRO B 348 -1.61 -6.36 8.61
N GLN B 349 -1.88 -6.17 7.32
CA GLN B 349 -0.84 -5.88 6.35
C GLN B 349 -0.50 -4.39 6.28
N ASP B 350 -1.03 -3.57 7.18
CA ASP B 350 -0.76 -2.14 7.18
C ASP B 350 0.50 -1.86 7.99
N HIS B 351 1.63 -2.28 7.42
CA HIS B 351 2.93 -2.05 8.04
C HIS B 351 3.96 -1.81 6.95
N LEU B 352 5.16 -1.42 7.36
CA LEU B 352 6.27 -1.15 6.46
C LEU B 352 7.33 -2.24 6.51
N ALA B 353 6.94 -3.46 6.89
CA ALA B 353 7.89 -4.57 6.88
C ALA B 353 8.38 -4.90 5.48
N PHE B 354 7.61 -4.55 4.46
CA PHE B 354 8.03 -4.67 3.06
C PHE B 354 8.24 -3.31 2.43
N THR B 355 8.36 -2.26 3.24
CA THR B 355 8.55 -0.87 2.82
C THR B 355 7.35 -0.45 1.95
N LYS B 356 7.57 0.52 1.06
CA LYS B 356 6.48 1.13 0.32
C LYS B 356 7.06 1.91 -0.86
N GLY B 357 6.31 1.95 -1.95
CA GLY B 357 6.73 2.70 -3.13
C GLY B 357 7.35 1.85 -4.22
N ARG B 358 8.34 2.40 -4.92
CA ARG B 358 8.96 1.69 -6.02
C ARG B 358 9.74 0.47 -5.53
N HIS B 359 10.54 0.65 -4.48
CA HIS B 359 11.40 -0.41 -3.97
C HIS B 359 10.70 -1.33 -2.98
N THR B 360 9.38 -1.46 -3.07
CA THR B 360 8.65 -2.40 -2.24
C THR B 360 9.12 -3.82 -2.52
N CYS B 361 9.18 -4.64 -1.47
CA CYS B 361 9.65 -6.02 -1.56
C CYS B 361 8.83 -6.82 -2.58
N PRO B 362 9.43 -7.22 -3.70
CA PRO B 362 8.68 -8.00 -4.69
C PRO B 362 8.44 -9.44 -4.30
N GLY B 363 9.26 -10.00 -3.41
CA GLY B 363 9.09 -11.36 -2.95
C GLY B 363 8.08 -11.54 -1.84
N ALA B 364 7.33 -10.49 -1.50
CA ALA B 364 6.33 -10.60 -0.45
C ALA B 364 5.24 -11.64 -0.75
N PRO B 365 4.71 -11.77 -1.97
CA PRO B 365 3.70 -12.82 -2.19
C PRO B 365 4.21 -14.23 -1.90
N LEU B 366 5.46 -14.53 -2.24
CA LEU B 366 5.99 -15.86 -1.97
C LEU B 366 6.23 -16.06 -0.47
N ALA B 367 7.01 -15.15 0.14
CA ALA B 367 7.36 -15.27 1.56
C ALA B 367 6.12 -15.54 2.41
N ARG B 368 5.11 -14.67 2.31
CA ARG B 368 3.86 -14.87 3.01
C ARG B 368 3.37 -16.30 2.86
N LEU B 369 3.18 -16.73 1.60
CA LEU B 369 2.70 -18.09 1.36
C LEU B 369 3.59 -19.11 2.07
N GLN B 370 4.90 -18.96 1.94
CA GLN B 370 5.82 -19.87 2.62
C GLN B 370 5.59 -19.79 4.12
N GLY B 371 5.54 -18.56 4.66
CA GLY B 371 5.26 -18.40 6.08
C GLY B 371 3.91 -18.99 6.45
N ALA B 372 2.93 -18.85 5.55
CA ALA B 372 1.63 -19.45 5.80
C ALA B 372 1.68 -20.97 5.67
N THR B 373 2.52 -21.48 4.76
CA THR B 373 2.54 -22.91 4.48
C THR B 373 3.47 -23.67 5.42
N GLY B 374 4.67 -23.16 5.64
CA GLY B 374 5.65 -23.83 6.48
C GLY B 374 5.23 -23.94 7.93
N LEU B 375 4.98 -22.79 8.57
CA LEU B 375 4.64 -22.79 10.00
C LEU B 375 3.51 -23.77 10.30
N ARG B 376 2.42 -23.68 9.54
CA ARG B 376 1.32 -24.62 9.70
C ARG B 376 1.82 -26.06 9.68
N VAL B 377 2.52 -26.43 8.60
CA VAL B 377 3.06 -27.79 8.50
C VAL B 377 3.99 -28.07 9.67
N LEU B 378 4.80 -27.08 10.06
CA LEU B 378 5.70 -27.27 11.18
C LEU B 378 4.92 -27.56 12.46
N PHE B 379 3.76 -26.92 12.62
CA PHE B 379 2.90 -27.18 13.76
C PHE B 379 1.79 -28.18 13.42
N GLU B 380 1.90 -28.83 12.26
CA GLU B 380 1.03 -29.96 11.91
C GLU B 380 1.72 -31.30 12.11
N ARG B 381 3.04 -31.34 11.95
CA ARG B 381 3.83 -32.55 12.15
C ARG B 381 4.32 -32.67 13.59
N LEU B 382 4.88 -31.58 14.12
CA LEU B 382 5.41 -31.53 15.48
C LEU B 382 4.58 -30.49 16.24
N PRO B 383 3.40 -30.89 16.74
CA PRO B 383 2.50 -29.89 17.34
C PRO B 383 3.03 -29.28 18.62
N GLU B 384 3.61 -30.10 19.50
CA GLU B 384 4.14 -29.60 20.77
C GLU B 384 5.55 -29.05 20.60
N LEU B 385 5.82 -28.47 19.44
CA LEU B 385 7.11 -27.82 19.21
C LEU B 385 7.26 -26.68 20.19
N LYS B 386 8.30 -26.72 21.01
CA LYS B 386 8.48 -25.72 22.05
C LYS B 386 9.92 -25.27 21.99
N VAL B 387 10.14 -23.97 21.81
CA VAL B 387 11.50 -23.44 21.70
C VAL B 387 12.22 -23.65 23.02
N VAL B 388 13.35 -24.36 22.96
CA VAL B 388 14.15 -24.66 24.14
C VAL B 388 14.54 -23.37 24.85
N PRO B 389 14.07 -23.15 26.07
CA PRO B 389 14.53 -21.99 26.83
C PRO B 389 15.99 -22.18 27.23
N ASP B 390 16.67 -21.06 27.42
CA ASP B 390 18.05 -21.03 27.90
C ASP B 390 19.00 -21.70 26.90
N GLN B 391 19.02 -21.14 25.69
CA GLN B 391 19.99 -21.51 24.69
C GLN B 391 20.78 -20.25 24.33
N PRO B 392 22.10 -20.29 24.34
CA PRO B 392 22.90 -19.08 24.12
C PRO B 392 22.54 -18.43 22.79
N LEU B 393 22.19 -17.14 22.86
CA LEU B 393 21.79 -16.41 21.67
C LEU B 393 22.95 -16.32 20.69
N ASN B 394 22.74 -16.84 19.48
CA ASN B 394 23.76 -16.86 18.43
C ASN B 394 23.24 -16.00 17.28
N PHE B 395 23.76 -14.78 17.17
CA PHE B 395 23.36 -13.83 16.14
C PHE B 395 24.58 -13.31 15.41
N ALA B 396 24.52 -13.32 14.09
CA ALA B 396 25.55 -12.67 13.28
C ALA B 396 25.46 -11.17 13.50
N PRO B 397 26.49 -10.53 14.07
CA PRO B 397 26.39 -9.10 14.39
C PRO B 397 26.24 -8.24 13.14
N MET B 398 25.00 -8.00 12.73
CA MET B 398 24.68 -7.18 11.56
C MET B 398 23.57 -6.21 11.92
N ALA B 399 23.63 -5.00 11.36
CA ALA B 399 22.67 -3.96 11.68
C ALA B 399 21.44 -4.02 10.78
N LEU B 400 21.64 -4.03 9.46
CA LEU B 400 20.51 -4.00 8.53
C LEU B 400 19.75 -5.32 8.49
N LEU B 401 20.40 -6.43 8.85
CA LEU B 401 19.79 -7.76 8.74
C LEU B 401 20.39 -8.67 9.79
N PRO B 402 19.86 -8.61 11.03
CA PRO B 402 20.35 -9.52 12.08
C PRO B 402 19.98 -10.97 11.79
N VAL B 403 20.95 -11.77 11.37
CA VAL B 403 20.71 -13.15 11.00
C VAL B 403 20.99 -14.04 12.21
N ARG B 404 19.99 -14.81 12.61
CA ARG B 404 20.13 -15.78 13.69
C ARG B 404 20.81 -17.04 13.16
N LEU B 405 21.84 -17.51 13.87
CA LEU B 405 22.60 -18.66 13.44
C LEU B 405 22.16 -19.97 14.08
N SER B 406 21.50 -19.91 15.24
CA SER B 406 21.08 -21.13 15.93
C SER B 406 19.78 -20.87 16.67
N LEU B 407 18.91 -21.89 16.68
CA LEU B 407 17.65 -21.82 17.43
C LEU B 407 17.27 -23.26 17.75
N GLN B 408 17.55 -23.70 18.97
CA GLN B 408 17.27 -25.07 19.38
C GLN B 408 15.82 -25.20 19.82
N VAL B 409 15.11 -26.17 19.24
CA VAL B 409 13.71 -26.40 19.57
C VAL B 409 13.52 -27.88 19.88
N ILE B 410 12.49 -28.19 20.67
CA ILE B 410 12.14 -29.55 21.05
C ILE B 410 10.63 -29.72 20.95
N TRP B 411 10.20 -30.97 20.93
CA TRP B 411 8.78 -31.31 20.88
C TRP B 411 8.50 -32.62 21.60
#